data_6Z36
#
_entry.id   6Z36
#
_cell.length_a   127.434
_cell.length_b   84.607
_cell.length_c   88.378
_cell.angle_alpha   90.000
_cell.angle_beta   131.007
_cell.angle_gamma   90.000
#
_symmetry.space_group_name_H-M   'C 1 2 1'
#
loop_
_entity.id
_entity.type
_entity.pdbx_description
1 polymer 'Activin receptor type I'
2 non-polymer 'SULFATE ION'
3 non-polymer 1,2-ETHANEDIOL
4 non-polymer 'D(-)-TARTARIC ACID'
5 non-polymer 4-methyl-3-(4-piperidin-4-ylphenyl)-5-(3,4,5-trimethoxyphenyl)pyridine
6 non-polymer 'AMMONIUM ION'
7 water water
#
_entity_poly.entity_id   1
_entity_poly.type   'polypeptide(L)'
_entity_poly.pdbx_seq_one_letter_code
;SMQRTVARDITLLECVGKGRYGEVWRGSWQGENVAVKIFSSRDEKSWFRETELYNTVMLRHENILGFIASDMTSRHSSTQ
LWLITHYHEMGSLYDYLQLTTLDTVSCLRIVLSIASGLAHLHIEIFGTQGKPAIAHRDLKSKNILVKKNGQCCIADLGLA
VMHSQSTNQLDVGNNPRVGTKRYMAPEVLDETIQVDCFDSYKRVDIWAFGLVLWEVARRMVSNGIVEDYKPPFYDVVPND
PSFEDMRKVVCVDQQRPNIPNRWFSDPTLTSLAKLMKECWYQNPSARLTALRIKKTLTKID
;
_entity_poly.pdbx_strand_id   A,B
#
loop_
_chem_comp.id
_chem_comp.type
_chem_comp.name
_chem_comp.formula
EDO non-polymer 1,2-ETHANEDIOL 'C2 H6 O2'
NH4 non-polymer 'AMMONIUM ION' 'H4 N 1'
Q5Z non-polymer 4-methyl-3-(4-piperidin-4-ylphenyl)-5-(3,4,5-trimethoxyphenyl)pyridine 'C26 H30 N2 O3'
SO4 non-polymer 'SULFATE ION' 'O4 S -2'
TAR non-polymer 'D(-)-TARTARIC ACID' 'C4 H6 O6'
#
# COMPACT_ATOMS: atom_id res chain seq x y z
N ARG A 4 -32.40 18.37 -20.65
CA ARG A 4 -32.02 18.75 -19.29
C ARG A 4 -31.11 19.98 -19.30
N THR A 5 -31.16 20.72 -18.20
CA THR A 5 -30.36 21.93 -18.03
C THR A 5 -28.96 21.58 -17.55
N VAL A 6 -27.97 22.19 -18.17
CA VAL A 6 -26.57 22.07 -17.77
C VAL A 6 -26.14 23.44 -17.26
N ALA A 7 -26.15 23.60 -15.94
CA ALA A 7 -25.80 24.86 -15.29
C ALA A 7 -24.29 24.99 -15.26
N ARG A 8 -23.76 25.92 -16.06
CA ARG A 8 -22.34 26.15 -16.19
C ARG A 8 -21.89 27.48 -15.60
N ASP A 9 -22.83 28.36 -15.23
CA ASP A 9 -22.44 29.65 -14.68
C ASP A 9 -21.70 29.46 -13.35
N ILE A 10 -20.59 30.17 -13.20
CA ILE A 10 -19.87 30.23 -11.94
C ILE A 10 -19.74 31.69 -11.55
N THR A 11 -20.18 32.03 -10.35
CA THR A 11 -20.02 33.38 -9.84
C THR A 11 -18.64 33.53 -9.23
N LEU A 12 -17.86 34.46 -9.75
CA LEU A 12 -16.53 34.76 -9.24
C LEU A 12 -16.69 35.82 -8.15
N LEU A 13 -16.23 35.49 -6.95
CA LEU A 13 -16.51 36.30 -5.78
C LEU A 13 -15.31 37.07 -5.28
N GLU A 14 -14.15 36.44 -5.15
CA GLU A 14 -13.00 37.13 -4.59
C GLU A 14 -11.75 36.55 -5.21
N CYS A 15 -10.83 37.41 -5.62
CA CYS A 15 -9.53 36.92 -6.08
C CYS A 15 -8.68 36.60 -4.86
N VAL A 16 -8.22 35.34 -4.79
CA VAL A 16 -7.42 34.85 -3.66
C VAL A 16 -5.97 34.61 -4.03
N GLY A 17 -5.60 34.79 -5.29
CA GLY A 17 -4.21 34.66 -5.69
C GLY A 17 -3.99 35.24 -7.07
N LYS A 18 -2.82 35.80 -7.31
CA LYS A 18 -2.50 36.40 -8.60
C LYS A 18 -1.01 36.20 -8.82
N GLY A 19 -0.62 35.88 -10.04
CA GLY A 19 0.78 35.69 -10.31
C GLY A 19 1.04 35.55 -11.80
N ARG A 20 2.26 35.09 -12.11
CA ARG A 20 2.63 34.82 -13.49
C ARG A 20 1.66 33.86 -14.15
N TYR A 21 1.14 32.92 -13.36
CA TYR A 21 0.28 31.86 -13.89
C TYR A 21 -1.11 32.37 -14.28
N GLY A 22 -1.48 33.56 -13.82
CA GLY A 22 -2.85 34.03 -13.92
C GLY A 22 -3.40 34.39 -12.55
N GLU A 23 -4.64 33.97 -12.30
CA GLU A 23 -5.30 34.29 -11.04
C GLU A 23 -6.07 33.08 -10.56
N VAL A 24 -6.28 33.03 -9.24
CA VAL A 24 -7.19 32.07 -8.63
C VAL A 24 -8.29 32.85 -7.91
N TRP A 25 -9.54 32.44 -8.14
CA TRP A 25 -10.72 33.08 -7.57
C TRP A 25 -11.49 32.08 -6.72
N ARG A 26 -11.97 32.55 -5.58
CA ARG A 26 -13.07 31.88 -4.91
C ARG A 26 -14.34 32.16 -5.72
N GLY A 27 -15.05 31.09 -6.08
CA GLY A 27 -16.25 31.19 -6.89
C GLY A 27 -17.35 30.37 -6.25
N SER A 28 -18.53 30.48 -6.85
CA SER A 28 -19.66 29.70 -6.37
C SER A 28 -20.38 29.07 -7.55
N TRP A 29 -20.75 27.80 -7.38
CA TRP A 29 -21.52 27.07 -8.36
C TRP A 29 -22.61 26.31 -7.62
N GLN A 30 -23.87 26.56 -7.98
CA GLN A 30 -25.00 25.87 -7.35
C GLN A 30 -24.89 25.95 -5.84
N GLY A 31 -24.52 27.11 -5.33
CA GLY A 31 -24.48 27.37 -3.91
C GLY A 31 -23.26 26.85 -3.18
N GLU A 32 -22.32 26.25 -3.88
CA GLU A 32 -21.15 25.65 -3.25
C GLU A 32 -19.88 26.38 -3.69
N ASN A 33 -18.96 26.57 -2.74
CA ASN A 33 -17.71 27.24 -3.07
C ASN A 33 -16.88 26.36 -3.99
N VAL A 34 -16.26 26.99 -4.98
CA VAL A 34 -15.25 26.37 -5.83
C VAL A 34 -14.08 27.33 -5.99
N ALA A 35 -12.94 26.78 -6.40
CA ALA A 35 -11.78 27.57 -6.76
C ALA A 35 -11.63 27.53 -8.27
N VAL A 36 -11.41 28.69 -8.88
CA VAL A 36 -11.30 28.83 -10.33
C VAL A 36 -9.94 29.44 -10.61
N LYS A 37 -9.07 28.66 -11.25
CA LYS A 37 -7.77 29.13 -11.70
C LYS A 37 -7.93 29.54 -13.16
N ILE A 38 -7.67 30.82 -13.43
CA ILE A 38 -7.76 31.41 -14.75
C ILE A 38 -6.34 31.60 -15.26
N PHE A 39 -6.00 30.88 -16.32
CA PHE A 39 -4.61 30.84 -16.75
C PHE A 39 -4.22 32.05 -17.58
N SER A 40 -3.01 32.55 -17.31
CA SER A 40 -2.35 33.49 -18.17
C SER A 40 -2.04 32.84 -19.52
N SER A 41 -1.82 33.67 -20.53
CA SER A 41 -1.30 33.14 -21.78
C SER A 41 0.05 32.48 -21.56
N ARG A 42 0.87 33.07 -20.69
CA ARG A 42 2.21 32.55 -20.46
C ARG A 42 2.17 31.12 -19.93
N ASP A 43 1.09 30.73 -19.28
CA ASP A 43 1.04 29.46 -18.57
C ASP A 43 0.03 28.48 -19.17
N GLU A 44 -0.36 28.66 -20.44
CA GLU A 44 -1.35 27.77 -21.02
C GLU A 44 -0.91 26.30 -21.00
N LYS A 45 0.39 26.04 -21.10
CA LYS A 45 0.87 24.66 -21.12
C LYS A 45 0.49 23.90 -19.85
N SER A 46 0.42 24.60 -18.73
CA SER A 46 0.07 23.95 -17.47
C SER A 46 -1.38 23.51 -17.44
N TRP A 47 -2.27 24.27 -18.07
CA TRP A 47 -3.65 23.83 -18.22
C TRP A 47 -3.72 22.56 -19.06
N PHE A 48 -3.01 22.54 -20.18
CA PHE A 48 -3.03 21.37 -21.05
C PHE A 48 -2.46 20.14 -20.34
N ARG A 49 -1.39 20.32 -19.55
CA ARG A 49 -0.77 19.17 -18.89
C ARG A 49 -1.67 18.61 -17.82
N GLU A 50 -2.26 19.48 -17.00
CA GLU A 50 -3.15 19.02 -15.95
C GLU A 50 -4.40 18.39 -16.54
N THR A 51 -4.94 18.99 -17.61
CA THR A 51 -6.11 18.43 -18.28
C THR A 51 -5.79 17.08 -18.91
N GLU A 52 -4.64 16.95 -19.57
CA GLU A 52 -4.29 15.67 -20.14
C GLU A 52 -4.16 14.60 -19.07
N LEU A 53 -3.54 14.95 -17.94
CA LEU A 53 -3.40 14.02 -16.82
C LEU A 53 -4.77 13.55 -16.32
N TYR A 54 -5.68 14.48 -16.03
CA TYR A 54 -6.99 14.11 -15.49
C TYR A 54 -7.84 13.38 -16.53
N ASN A 55 -7.61 13.64 -17.82
CA ASN A 55 -8.27 12.88 -18.87
C ASN A 55 -7.72 11.46 -18.97
N THR A 56 -6.51 11.22 -18.47
CA THR A 56 -5.92 9.89 -18.43
C THR A 56 -6.30 9.13 -17.16
N VAL A 57 -6.27 9.80 -16.01
CA VAL A 57 -6.62 9.18 -14.74
C VAL A 57 -7.33 10.21 -13.88
N MET A 58 -8.54 9.88 -13.41
CA MET A 58 -9.31 10.79 -12.55
C MET A 58 -8.84 10.58 -11.11
N LEU A 59 -7.84 11.33 -10.72
CA LEU A 59 -7.30 11.16 -9.37
C LEU A 59 -8.35 11.56 -8.36
N ARG A 60 -8.50 10.73 -7.33
CA ARG A 60 -9.41 10.99 -6.21
C ARG A 60 -8.73 10.51 -4.94
N HIS A 61 -8.31 11.48 -4.11
CA HIS A 61 -7.61 11.18 -2.87
C HIS A 61 -7.77 12.34 -1.91
N GLU A 62 -7.93 12.01 -0.61
CA GLU A 62 -8.15 13.03 0.43
C GLU A 62 -7.03 14.07 0.44
N ASN A 63 -5.82 13.70 0.02
CA ASN A 63 -4.68 14.60 0.10
C ASN A 63 -4.23 15.12 -1.27
N ILE A 64 -5.10 15.05 -2.26
N ILE A 64 -5.13 15.11 -2.25
CA ILE A 64 -4.91 15.67 -3.57
CA ILE A 64 -4.89 15.65 -3.59
C ILE A 64 -6.07 16.63 -3.78
C ILE A 64 -6.05 16.58 -3.93
N LEU A 65 -5.74 17.86 -4.20
CA LEU A 65 -6.78 18.84 -4.47
C LEU A 65 -7.82 18.30 -5.45
N GLY A 66 -9.08 18.39 -5.07
CA GLY A 66 -10.16 17.71 -5.79
C GLY A 66 -10.52 18.40 -7.10
N PHE A 67 -10.41 17.67 -8.21
CA PHE A 67 -10.78 18.19 -9.52
C PHE A 67 -12.28 18.28 -9.68
N ILE A 68 -12.74 19.38 -10.28
CA ILE A 68 -14.13 19.53 -10.71
C ILE A 68 -14.25 19.62 -12.23
N ALA A 69 -13.51 20.53 -12.86
CA ALA A 69 -13.63 20.70 -14.32
C ALA A 69 -12.45 21.45 -14.91
N SER A 70 -12.25 21.21 -16.20
CA SER A 70 -11.38 22.02 -17.05
C SER A 70 -12.26 22.60 -18.16
N ASP A 71 -12.13 23.89 -18.40
CA ASP A 71 -12.96 24.60 -19.36
C ASP A 71 -12.08 25.40 -20.32
N MET A 72 -12.35 25.28 -21.60
CA MET A 72 -11.78 26.13 -22.63
C MET A 72 -12.93 26.85 -23.32
N THR A 73 -12.89 28.18 -23.35
CA THR A 73 -13.95 28.98 -23.94
C THR A 73 -13.34 29.87 -25.02
N SER A 74 -13.92 29.80 -26.22
CA SER A 74 -13.51 30.64 -27.32
C SER A 74 -13.91 32.08 -27.05
N ARG A 75 -12.97 33.00 -27.27
CA ARG A 75 -13.23 34.43 -27.25
C ARG A 75 -12.89 34.98 -28.62
N HIS A 76 -13.25 36.25 -28.84
CA HIS A 76 -13.09 36.84 -30.16
C HIS A 76 -11.67 36.66 -30.68
N SER A 77 -10.67 37.07 -29.89
CA SER A 77 -9.29 37.03 -30.31
C SER A 77 -8.42 36.12 -29.45
N SER A 78 -9.00 35.39 -28.51
CA SER A 78 -8.23 34.69 -27.50
C SER A 78 -8.97 33.41 -27.11
N THR A 79 -8.30 32.59 -26.32
CA THR A 79 -8.91 31.40 -25.73
C THR A 79 -8.74 31.51 -24.23
N GLN A 80 -9.83 31.34 -23.49
CA GLN A 80 -9.84 31.45 -22.04
C GLN A 80 -9.83 30.05 -21.43
N LEU A 81 -8.92 29.83 -20.49
CA LEU A 81 -8.71 28.51 -19.91
C LEU A 81 -8.92 28.61 -18.41
N TRP A 82 -9.82 27.80 -17.89
CA TRP A 82 -10.10 27.71 -16.47
C TRP A 82 -9.90 26.29 -15.97
N LEU A 83 -9.36 26.16 -14.76
CA LEU A 83 -9.36 24.92 -14.01
C LEU A 83 -10.20 25.16 -12.77
N ILE A 84 -11.15 24.26 -12.50
CA ILE A 84 -12.08 24.43 -11.40
C ILE A 84 -11.87 23.27 -10.45
N THR A 85 -11.65 23.60 -9.17
CA THR A 85 -11.40 22.63 -8.14
C THR A 85 -12.20 22.96 -6.89
N HIS A 86 -12.14 22.05 -5.93
CA HIS A 86 -12.63 22.36 -4.61
C HIS A 86 -11.87 23.53 -4.01
N TYR A 87 -12.54 24.20 -3.08
CA TYR A 87 -12.05 25.41 -2.45
C TYR A 87 -11.72 25.11 -1.00
N HIS A 88 -10.54 25.53 -0.57
CA HIS A 88 -10.05 25.32 0.79
C HIS A 88 -9.84 26.70 1.43
N GLU A 89 -10.80 27.09 2.27
CA GLU A 89 -10.84 28.46 2.75
C GLU A 89 -9.66 28.83 3.64
N MET A 90 -8.98 27.86 4.25
CA MET A 90 -7.81 28.20 5.06
C MET A 90 -6.58 28.54 4.23
N GLY A 91 -6.62 28.36 2.92
CA GLY A 91 -5.53 28.77 2.07
C GLY A 91 -4.39 27.78 2.01
N SER A 92 -3.26 28.25 1.51
CA SER A 92 -2.12 27.35 1.36
C SER A 92 -1.37 27.20 2.67
N LEU A 93 -0.58 26.13 2.72
CA LEU A 93 0.27 25.89 3.88
C LEU A 93 1.19 27.07 4.11
N TYR A 94 1.70 27.66 3.03
CA TYR A 94 2.55 28.84 3.12
C TYR A 94 1.86 29.96 3.90
N ASP A 95 0.61 30.25 3.59
N ASP A 95 0.62 30.26 3.53
CA ASP A 95 -0.06 31.35 4.27
CA ASP A 95 -0.16 31.28 4.21
C ASP A 95 -0.55 30.96 5.67
C ASP A 95 -0.40 30.91 5.67
N TYR A 96 -0.88 29.68 5.89
CA TYR A 96 -1.23 29.23 7.22
C TYR A 96 -0.07 29.30 8.21
N LEU A 97 1.12 28.92 7.78
CA LEU A 97 2.25 28.90 8.70
C LEU A 97 2.74 30.30 9.05
N GLN A 98 2.35 31.32 8.30
CA GLN A 98 2.85 32.67 8.60
C GLN A 98 2.47 33.10 9.99
N LEU A 99 1.23 32.85 10.40
CA LEU A 99 0.77 33.32 11.70
C LEU A 99 0.11 32.24 12.55
N THR A 100 0.32 30.96 12.24
CA THR A 100 -0.10 29.89 13.12
C THR A 100 1.12 29.11 13.58
N THR A 101 1.15 28.76 14.86
CA THR A 101 2.10 27.78 15.37
C THR A 101 1.37 26.46 15.58
N LEU A 102 2.16 25.39 15.74
CA LEU A 102 1.62 24.06 15.74
C LEU A 102 2.04 23.35 17.02
N ASP A 103 1.26 22.33 17.39
CA ASP A 103 1.65 21.40 18.42
C ASP A 103 2.06 20.08 17.76
N THR A 104 2.47 19.13 18.59
CA THR A 104 2.98 17.87 18.04
C THR A 104 1.94 17.20 17.16
N VAL A 105 0.70 17.10 17.65
CA VAL A 105 -0.31 16.37 16.91
C VAL A 105 -0.60 17.05 15.58
N SER A 106 -0.79 18.38 15.61
N SER A 106 -0.77 18.37 15.59
CA SER A 106 -1.10 19.12 14.40
CA SER A 106 -1.11 19.08 14.37
C SER A 106 0.04 19.04 13.39
C SER A 106 0.05 19.12 13.37
N CYS A 107 1.29 19.18 13.87
CA CYS A 107 2.43 19.11 12.97
C CYS A 107 2.48 17.77 12.27
N LEU A 108 2.37 16.68 13.03
CA LEU A 108 2.46 15.36 12.42
C LEU A 108 1.30 15.12 11.46
N ARG A 109 0.11 15.62 11.79
CA ARG A 109 -1.05 15.43 10.93
C ARG A 109 -0.83 16.11 9.58
N ILE A 110 -0.25 17.31 9.60
CA ILE A 110 0.07 18.01 8.36
C ILE A 110 1.07 17.22 7.53
N VAL A 111 2.19 16.83 8.13
CA VAL A 111 3.25 16.27 7.33
C VAL A 111 2.90 14.87 6.85
N LEU A 112 2.19 14.09 7.67
CA LEU A 112 1.76 12.77 7.24
C LEU A 112 0.75 12.87 6.10
N SER A 113 -0.13 13.86 6.15
CA SER A 113 -1.10 14.01 5.06
C SER A 113 -0.39 14.38 3.74
N ILE A 114 0.65 15.21 3.81
CA ILE A 114 1.43 15.51 2.61
C ILE A 114 2.08 14.26 2.06
N ALA A 115 2.74 13.50 2.93
CA ALA A 115 3.42 12.26 2.52
C ALA A 115 2.42 11.27 1.93
N SER A 116 1.19 11.25 2.46
CA SER A 116 0.15 10.37 1.93
C SER A 116 -0.25 10.78 0.52
N GLY A 117 -0.47 12.07 0.29
CA GLY A 117 -0.78 12.53 -1.05
C GLY A 117 0.36 12.27 -2.01
N LEU A 118 1.59 12.49 -1.55
CA LEU A 118 2.74 12.32 -2.43
C LEU A 118 2.95 10.85 -2.77
N ALA A 119 2.80 9.97 -1.77
CA ALA A 119 2.92 8.54 -2.06
C ALA A 119 1.84 8.09 -3.03
N HIS A 120 0.64 8.63 -2.89
CA HIS A 120 -0.42 8.25 -3.81
C HIS A 120 -0.06 8.65 -5.24
N LEU A 121 0.48 9.86 -5.42
CA LEU A 121 0.92 10.26 -6.75
C LEU A 121 1.97 9.29 -7.29
N HIS A 122 3.00 9.03 -6.47
CA HIS A 122 4.17 8.28 -6.93
C HIS A 122 3.88 6.82 -7.30
N ILE A 123 2.90 6.19 -6.67
N ILE A 123 2.90 6.20 -6.64
CA ILE A 123 2.79 4.73 -6.72
CA ILE A 123 2.70 4.76 -6.76
C ILE A 123 1.86 4.31 -7.87
C ILE A 123 1.92 4.44 -8.02
N GLU A 124 2.38 3.46 -8.77
CA GLU A 124 1.55 2.86 -9.79
C GLU A 124 0.59 1.84 -9.19
N ILE A 125 -0.67 1.90 -9.60
CA ILE A 125 -1.69 0.95 -9.15
C ILE A 125 -2.23 0.24 -10.38
N PHE A 126 -2.15 -1.09 -10.38
CA PHE A 126 -2.59 -1.87 -11.53
C PHE A 126 -4.06 -2.25 -11.40
N GLY A 127 -4.63 -2.69 -12.51
CA GLY A 127 -6.01 -3.09 -12.53
C GLY A 127 -6.92 -1.97 -12.98
N THR A 128 -8.21 -2.19 -12.76
CA THR A 128 -9.24 -1.36 -13.37
C THR A 128 -9.39 -0.02 -12.66
N GLN A 129 -9.30 -0.01 -11.32
CA GLN A 129 -9.34 1.25 -10.56
C GLN A 129 -7.94 1.82 -10.29
N GLY A 130 -7.00 1.60 -11.19
CA GLY A 130 -5.61 1.95 -10.96
C GLY A 130 -5.22 3.31 -11.51
N LYS A 131 -3.90 3.54 -11.58
CA LYS A 131 -3.33 4.81 -12.03
C LYS A 131 -1.89 4.60 -12.42
N PRO A 132 -1.37 5.39 -13.36
CA PRO A 132 0.08 5.42 -13.57
C PRO A 132 0.77 6.09 -12.40
N ALA A 133 2.07 5.84 -12.27
CA ALA A 133 2.86 6.64 -11.35
C ALA A 133 2.98 8.06 -11.89
N ILE A 134 3.01 9.02 -10.97
CA ILE A 134 3.04 10.44 -11.27
C ILE A 134 4.07 11.12 -10.38
N ALA A 135 4.92 11.98 -10.96
CA ALA A 135 5.79 12.89 -10.22
C ALA A 135 5.27 14.31 -10.38
N HIS A 136 5.30 15.06 -9.28
CA HIS A 136 4.67 16.38 -9.23
C HIS A 136 5.52 17.45 -9.90
N ARG A 137 6.79 17.53 -9.50
CA ARG A 137 7.83 18.39 -10.08
C ARG A 137 7.74 19.84 -9.64
N ASP A 138 6.78 20.24 -8.82
CA ASP A 138 6.79 21.60 -8.27
C ASP A 138 6.23 21.62 -6.85
N LEU A 139 6.66 20.69 -6.01
CA LEU A 139 6.19 20.62 -4.65
C LEU A 139 6.81 21.75 -3.83
N LYS A 140 5.95 22.44 -3.07
CA LYS A 140 6.34 23.56 -2.24
C LYS A 140 5.13 23.94 -1.38
N SER A 141 5.39 24.74 -0.35
CA SER A 141 4.32 25.04 0.60
C SER A 141 3.19 25.87 -0.03
N LYS A 142 3.48 26.66 -1.07
CA LYS A 142 2.40 27.37 -1.76
C LYS A 142 1.55 26.43 -2.59
N ASN A 143 2.03 25.23 -2.90
CA ASN A 143 1.27 24.25 -3.67
C ASN A 143 0.64 23.18 -2.78
N ILE A 144 0.45 23.47 -1.50
CA ILE A 144 -0.23 22.60 -0.56
C ILE A 144 -1.30 23.43 0.12
N LEU A 145 -2.52 22.90 0.20
CA LEU A 145 -3.63 23.62 0.81
C LEU A 145 -3.97 22.96 2.13
N VAL A 146 -4.45 23.76 3.09
CA VAL A 146 -4.80 23.28 4.41
C VAL A 146 -6.30 23.11 4.50
N LYS A 147 -6.75 21.96 4.98
CA LYS A 147 -8.16 21.66 5.18
C LYS A 147 -8.59 21.89 6.63
N LYS A 148 -9.89 22.11 6.80
CA LYS A 148 -10.44 22.37 8.13
C LYS A 148 -10.19 21.21 9.11
N ASN A 149 -10.06 19.97 8.61
CA ASN A 149 -9.83 18.83 9.48
C ASN A 149 -8.35 18.65 9.87
N GLY A 150 -7.48 19.60 9.53
CA GLY A 150 -6.10 19.56 9.93
C GLY A 150 -5.17 18.82 8.99
N GLN A 151 -5.70 18.14 7.98
CA GLN A 151 -4.89 17.57 6.93
C GLN A 151 -4.68 18.57 5.81
N CYS A 152 -3.78 18.24 4.91
CA CYS A 152 -3.46 19.07 3.76
C CYS A 152 -3.77 18.31 2.48
N CYS A 153 -3.77 19.03 1.36
CA CYS A 153 -3.83 18.38 0.07
C CYS A 153 -2.87 19.07 -0.89
N ILE A 154 -2.31 18.29 -1.77
CA ILE A 154 -1.34 18.76 -2.75
C ILE A 154 -2.09 19.25 -3.97
N ALA A 155 -1.65 20.40 -4.49
CA ALA A 155 -2.26 21.08 -5.62
C ALA A 155 -1.22 21.32 -6.73
N ASP A 156 -1.76 21.61 -7.92
CA ASP A 156 -1.03 22.10 -9.09
C ASP A 156 -0.23 21.00 -9.78
N LEU A 157 -0.88 20.32 -10.72
CA LEU A 157 -0.24 19.26 -11.49
C LEU A 157 0.19 19.73 -12.88
N GLY A 158 0.38 21.04 -13.04
CA GLY A 158 0.72 21.60 -14.34
C GLY A 158 2.09 21.21 -14.86
N LEU A 159 2.98 20.75 -13.98
CA LEU A 159 4.29 20.27 -14.41
C LEU A 159 4.42 18.76 -14.27
N ALA A 160 3.36 18.07 -13.87
CA ALA A 160 3.45 16.68 -13.49
C ALA A 160 3.80 15.80 -14.69
N VAL A 161 4.48 14.70 -14.39
CA VAL A 161 4.81 13.70 -15.41
C VAL A 161 4.29 12.34 -14.98
N MET A 162 3.80 11.57 -15.95
CA MET A 162 3.25 10.24 -15.73
C MET A 162 4.17 9.17 -16.28
N HIS A 163 4.15 8.00 -15.63
CA HIS A 163 4.89 6.82 -16.05
C HIS A 163 4.06 5.56 -15.87
N SER A 164 4.03 4.70 -16.88
CA SER A 164 3.40 3.38 -16.76
C SER A 164 4.29 2.32 -17.42
N ARG A 177 7.84 26.09 -18.62
CA ARG A 177 7.85 26.09 -17.16
C ARG A 177 8.84 25.04 -16.62
N VAL A 178 9.58 25.43 -15.59
CA VAL A 178 10.44 24.54 -14.80
C VAL A 178 9.97 24.70 -13.34
N GLY A 179 10.48 23.86 -12.45
CA GLY A 179 10.07 23.95 -11.06
C GLY A 179 10.56 25.24 -10.42
N THR A 180 10.05 25.52 -9.22
CA THR A 180 10.47 26.69 -8.45
C THR A 180 11.91 26.54 -8.02
N LYS A 181 12.74 27.52 -8.34
CA LYS A 181 14.19 27.36 -8.18
C LYS A 181 14.58 27.12 -6.72
N ARG A 182 13.95 27.80 -5.78
CA ARG A 182 14.31 27.65 -4.37
C ARG A 182 14.19 26.20 -3.90
N TYR A 183 13.31 25.41 -4.52
CA TYR A 183 13.04 24.04 -4.10
C TYR A 183 13.71 23.00 -4.98
N MET A 184 14.53 23.43 -5.94
CA MET A 184 15.15 22.48 -6.87
C MET A 184 16.23 21.63 -6.22
N ALA A 185 16.19 20.33 -6.55
CA ALA A 185 17.17 19.39 -6.05
C ALA A 185 18.54 19.61 -6.72
N PRO A 186 19.61 19.15 -6.07
CA PRO A 186 20.95 19.37 -6.63
C PRO A 186 21.10 18.88 -8.06
N GLU A 187 20.54 17.72 -8.39
CA GLU A 187 20.74 17.16 -9.72
C GLU A 187 19.99 17.95 -10.80
N VAL A 188 18.96 18.71 -10.43
CA VAL A 188 18.31 19.62 -11.36
C VAL A 188 19.18 20.85 -11.60
N LEU A 189 19.71 21.40 -10.52
CA LEU A 189 20.57 22.59 -10.59
C LEU A 189 21.90 22.33 -11.29
N ASP A 190 22.48 21.13 -11.15
CA ASP A 190 23.73 20.83 -11.82
C ASP A 190 23.55 20.05 -13.11
N GLU A 191 22.29 19.80 -13.50
CA GLU A 191 21.94 19.26 -14.81
C GLU A 191 22.50 17.84 -15.00
N THR A 192 22.61 17.09 -13.92
CA THR A 192 22.99 15.69 -13.96
C THR A 192 21.81 14.75 -13.80
N ILE A 193 20.60 15.28 -13.61
CA ILE A 193 19.44 14.42 -13.44
C ILE A 193 19.29 13.48 -14.63
N GLN A 194 19.02 12.20 -14.32
CA GLN A 194 18.85 11.16 -15.34
C GLN A 194 17.45 11.33 -15.91
N VAL A 195 17.34 12.14 -16.96
CA VAL A 195 16.04 12.53 -17.50
C VAL A 195 15.29 11.36 -18.12
N ASP A 196 15.95 10.22 -18.32
CA ASP A 196 15.35 9.04 -18.92
C ASP A 196 14.79 8.07 -17.88
N CYS A 197 14.91 8.36 -16.60
CA CYS A 197 14.52 7.44 -15.53
C CYS A 197 13.41 8.11 -14.72
N PHE A 198 12.23 7.52 -14.74
CA PHE A 198 11.12 8.13 -14.03
C PHE A 198 11.44 8.31 -12.55
N ASP A 199 12.15 7.34 -11.95
CA ASP A 199 12.49 7.44 -10.53
C ASP A 199 13.23 8.73 -10.21
N SER A 200 13.95 9.29 -11.17
CA SER A 200 14.66 10.54 -10.93
C SER A 200 13.70 11.65 -10.53
N TYR A 201 12.53 11.69 -11.16
CA TYR A 201 11.57 12.74 -10.86
C TYR A 201 10.94 12.52 -9.49
N LYS A 202 10.72 11.26 -9.11
N LYS A 202 10.70 11.26 -9.12
CA LYS A 202 10.23 11.01 -7.75
CA LYS A 202 10.25 10.98 -7.76
C LYS A 202 11.25 11.50 -6.72
C LYS A 202 11.25 11.53 -6.75
N ARG A 203 12.53 11.34 -7.01
CA ARG A 203 13.55 11.75 -6.05
C ARG A 203 13.68 13.26 -5.95
N VAL A 204 13.38 13.98 -7.04
CA VAL A 204 13.29 15.44 -6.99
C VAL A 204 12.14 15.88 -6.09
N ASP A 205 11.00 15.18 -6.14
CA ASP A 205 9.88 15.47 -5.24
C ASP A 205 10.25 15.25 -3.78
N ILE A 206 11.01 14.20 -3.49
CA ILE A 206 11.38 13.90 -2.11
C ILE A 206 12.27 14.99 -1.53
N TRP A 207 13.22 15.49 -2.32
CA TRP A 207 14.03 16.63 -1.90
C TRP A 207 13.15 17.79 -1.48
N ALA A 208 12.21 18.15 -2.34
CA ALA A 208 11.30 19.27 -2.05
C ALA A 208 10.43 18.98 -0.84
N PHE A 209 10.00 17.72 -0.67
CA PHE A 209 9.25 17.35 0.52
C PHE A 209 10.04 17.61 1.79
N GLY A 210 11.33 17.27 1.78
CA GLY A 210 12.17 17.53 2.93
C GLY A 210 12.22 19.01 3.28
N LEU A 211 12.30 19.88 2.27
CA LEU A 211 12.26 21.31 2.53
C LEU A 211 10.93 21.74 3.14
N VAL A 212 9.81 21.19 2.62
CA VAL A 212 8.51 21.53 3.20
C VAL A 212 8.44 21.08 4.66
N LEU A 213 8.92 19.86 4.93
CA LEU A 213 8.95 19.36 6.29
C LEU A 213 9.70 20.31 7.23
N TRP A 214 10.86 20.83 6.77
CA TRP A 214 11.62 21.80 7.54
C TRP A 214 10.81 23.06 7.81
N GLU A 215 10.08 23.54 6.79
CA GLU A 215 9.28 24.75 6.95
C GLU A 215 8.22 24.57 8.02
N VAL A 216 7.60 23.39 8.06
CA VAL A 216 6.52 23.11 8.99
C VAL A 216 7.07 22.92 10.39
N ALA A 217 8.15 22.13 10.50
CA ALA A 217 8.73 21.79 11.80
C ALA A 217 9.16 23.03 12.57
N ARG A 218 9.63 24.06 11.87
CA ARG A 218 10.06 25.29 12.52
C ARG A 218 8.92 25.93 13.30
N ARG A 219 7.67 25.69 12.88
CA ARG A 219 6.50 26.29 13.48
C ARG A 219 5.88 25.45 14.57
N MET A 220 6.47 24.29 14.88
CA MET A 220 6.00 23.46 15.98
C MET A 220 6.66 23.92 17.27
N VAL A 221 5.84 24.18 18.27
CA VAL A 221 6.34 24.68 19.56
C VAL A 221 6.90 23.53 20.36
N SER A 222 8.06 23.75 20.98
CA SER A 222 8.56 22.85 22.01
C SER A 222 9.22 23.66 23.11
N ASN A 223 8.94 23.30 24.36
N ASN A 223 8.87 23.33 24.35
CA ASN A 223 9.53 23.98 25.51
CA ASN A 223 9.49 23.96 25.51
C ASN A 223 9.39 25.49 25.37
C ASN A 223 9.36 25.47 25.44
N GLY A 224 8.23 25.93 24.92
CA GLY A 224 7.97 27.36 24.80
C GLY A 224 8.71 28.09 23.72
N ILE A 225 9.36 27.39 22.79
CA ILE A 225 10.17 27.99 21.74
C ILE A 225 9.57 27.63 20.39
N VAL A 226 9.64 28.56 19.45
CA VAL A 226 9.22 28.33 18.08
C VAL A 226 10.07 29.25 17.19
N GLU A 227 10.33 28.82 15.97
CA GLU A 227 10.98 29.67 14.99
C GLU A 227 9.91 30.43 14.20
N ASP A 228 10.28 31.62 13.73
CA ASP A 228 9.44 32.37 12.81
C ASP A 228 9.38 31.65 11.47
N TYR A 229 8.28 31.86 10.74
CA TYR A 229 8.19 31.30 9.41
C TYR A 229 9.29 31.88 8.52
N LYS A 230 10.03 31.00 7.86
CA LYS A 230 10.96 31.40 6.81
C LYS A 230 10.94 30.37 5.68
N PRO A 231 11.17 30.80 4.45
CA PRO A 231 11.28 29.84 3.36
C PRO A 231 12.64 29.14 3.40
N PRO A 232 12.73 27.97 2.78
CA PRO A 232 14.02 27.29 2.72
C PRO A 232 15.09 28.18 2.10
N PHE A 233 16.28 28.18 2.71
CA PHE A 233 17.45 28.92 2.23
C PHE A 233 17.34 30.43 2.38
N TYR A 234 16.46 30.90 3.25
CA TYR A 234 16.21 32.32 3.44
C TYR A 234 17.46 33.07 3.86
N ASP A 235 18.40 32.38 4.48
CA ASP A 235 19.58 33.01 5.03
C ASP A 235 20.79 32.98 4.08
N VAL A 236 20.65 32.35 2.90
CA VAL A 236 21.79 32.21 2.01
C VAL A 236 21.54 32.62 0.57
N VAL A 237 20.28 32.86 0.20
CA VAL A 237 19.97 33.36 -1.15
C VAL A 237 19.03 34.55 -1.06
N PRO A 238 18.96 35.33 -2.12
CA PRO A 238 18.01 36.46 -2.14
C PRO A 238 16.58 35.98 -2.41
N ASN A 239 15.65 36.94 -2.30
CA ASN A 239 14.33 36.70 -2.88
C ASN A 239 14.48 36.50 -4.39
N ASP A 240 13.62 35.66 -4.96
CA ASP A 240 13.66 35.33 -6.39
C ASP A 240 15.08 34.91 -6.75
N PRO A 241 15.64 33.93 -6.06
CA PRO A 241 17.03 33.53 -6.30
C PRO A 241 17.21 33.07 -7.74
N SER A 242 18.37 33.38 -8.29
CA SER A 242 18.65 32.91 -9.62
C SER A 242 19.03 31.42 -9.57
N PHE A 243 19.00 30.81 -10.75
CA PHE A 243 19.48 29.44 -10.91
C PHE A 243 20.90 29.33 -10.38
N GLU A 244 21.77 30.28 -10.75
CA GLU A 244 23.16 30.22 -10.30
C GLU A 244 23.27 30.37 -8.79
N ASP A 245 22.50 31.28 -8.20
CA ASP A 245 22.48 31.44 -6.75
C ASP A 245 22.20 30.11 -6.06
N MET A 246 21.20 29.40 -6.54
CA MET A 246 20.81 28.13 -5.93
C MET A 246 21.87 27.06 -6.15
N ARG A 247 22.42 27.00 -7.36
CA ARG A 247 23.45 26.01 -7.65
C ARG A 247 24.65 26.17 -6.72
N LYS A 248 25.09 27.40 -6.50
CA LYS A 248 26.22 27.63 -5.60
CA LYS A 248 26.22 27.62 -5.61
C LYS A 248 25.94 27.09 -4.21
N VAL A 249 24.75 27.36 -3.67
CA VAL A 249 24.40 26.93 -2.32
C VAL A 249 24.27 25.42 -2.25
N VAL A 250 23.45 24.86 -3.15
CA VAL A 250 22.98 23.49 -3.00
C VAL A 250 23.98 22.49 -3.55
N CYS A 251 24.65 22.85 -4.65
CA CYS A 251 25.56 21.95 -5.36
C CYS A 251 27.01 22.19 -5.01
N VAL A 252 27.48 23.43 -5.10
CA VAL A 252 28.90 23.69 -4.92
C VAL A 252 29.25 23.61 -3.43
N ASP A 253 28.52 24.34 -2.60
CA ASP A 253 28.81 24.35 -1.18
C ASP A 253 28.09 23.24 -0.42
N GLN A 254 27.10 22.63 -1.04
CA GLN A 254 26.33 21.53 -0.44
C GLN A 254 25.72 21.92 0.90
N GLN A 255 25.23 23.16 0.98
CA GLN A 255 24.51 23.58 2.15
C GLN A 255 23.11 22.96 2.23
N ARG A 256 22.61 22.85 3.46
CA ARG A 256 21.29 22.37 3.76
C ARG A 256 20.67 23.25 4.83
N PRO A 257 19.34 23.29 4.91
CA PRO A 257 18.70 24.11 5.97
C PRO A 257 19.21 23.75 7.36
N ASN A 258 19.41 24.78 8.20
N ASN A 258 19.33 24.79 8.19
CA ASN A 258 19.95 24.55 9.54
CA ASN A 258 19.81 24.63 9.56
C ASN A 258 18.86 24.01 10.48
C ASN A 258 18.78 23.92 10.42
N ILE A 259 19.27 23.04 11.30
CA ILE A 259 18.40 22.42 12.30
C ILE A 259 18.71 23.09 13.64
N PRO A 260 17.78 23.83 14.24
CA PRO A 260 18.06 24.49 15.53
C PRO A 260 18.32 23.52 16.65
N ASN A 261 19.18 23.95 17.58
CA ASN A 261 19.47 23.16 18.76
C ASN A 261 18.21 22.73 19.50
N ARG A 262 17.22 23.61 19.61
CA ARG A 262 16.06 23.30 20.46
C ARG A 262 15.28 22.08 19.95
N TRP A 263 15.42 21.74 18.68
CA TRP A 263 14.73 20.57 18.19
C TRP A 263 15.22 19.31 18.90
N PHE A 264 16.48 19.30 19.34
CA PHE A 264 17.07 18.10 19.94
C PHE A 264 16.65 17.90 21.40
N SER A 265 15.87 18.82 21.96
CA SER A 265 15.21 18.57 23.23
C SER A 265 13.84 17.94 23.10
N ASP A 266 13.32 17.79 21.89
CA ASP A 266 11.97 17.33 21.67
C ASP A 266 12.00 16.06 20.84
N PRO A 267 11.39 14.96 21.29
CA PRO A 267 11.52 13.70 20.54
C PRO A 267 10.93 13.76 19.15
N THR A 268 9.83 14.49 18.97
CA THR A 268 9.20 14.57 17.65
C THR A 268 10.10 15.32 16.68
N LEU A 269 10.59 16.49 17.09
CA LEU A 269 11.45 17.27 16.20
C LEU A 269 12.77 16.56 15.94
N THR A 270 13.29 15.83 16.92
CA THR A 270 14.50 15.05 16.69
C THR A 270 14.27 14.02 15.58
N SER A 271 13.15 13.30 15.63
CA SER A 271 12.82 12.33 14.58
C SER A 271 12.58 12.99 13.24
N LEU A 272 11.93 14.16 13.24
CA LEU A 272 11.69 14.86 11.99
C LEU A 272 13.00 15.38 11.38
N ALA A 273 13.95 15.81 12.21
CA ALA A 273 15.24 16.25 11.69
C ALA A 273 15.96 15.10 10.99
N LYS A 274 15.89 13.90 11.56
CA LYS A 274 16.51 12.76 10.92
C LYS A 274 15.83 12.48 9.59
N LEU A 275 14.51 12.59 9.54
CA LEU A 275 13.78 12.36 8.31
C LEU A 275 14.16 13.35 7.24
N MET A 276 14.24 14.64 7.60
CA MET A 276 14.64 15.66 6.66
C MET A 276 15.98 15.34 6.03
N LYS A 277 16.95 15.01 6.88
N LYS A 277 16.97 15.02 6.88
CA LYS A 277 18.30 14.71 6.43
CA LYS A 277 18.30 14.73 6.37
C LYS A 277 18.30 13.59 5.40
C LYS A 277 18.25 13.61 5.34
N GLU A 278 17.39 12.61 5.55
CA GLU A 278 17.32 11.48 4.62
C GLU A 278 16.56 11.83 3.35
N CYS A 279 15.95 13.01 3.27
CA CYS A 279 15.40 13.52 2.01
C CYS A 279 16.40 14.38 1.24
N TRP A 280 17.53 14.75 1.85
CA TRP A 280 18.42 15.77 1.30
C TRP A 280 19.78 15.22 0.88
N TYR A 281 19.96 13.91 0.83
CA TYR A 281 21.23 13.41 0.35
C TYR A 281 21.54 13.93 -1.04
N GLN A 282 22.82 14.27 -1.28
N GLN A 282 22.82 14.25 -1.29
CA GLN A 282 23.22 14.64 -2.64
CA GLN A 282 23.26 14.67 -2.62
C GLN A 282 22.88 13.53 -3.63
C GLN A 282 23.04 13.57 -3.66
N ASN A 283 23.18 12.30 -3.26
CA ASN A 283 22.95 11.16 -4.15
C ASN A 283 21.45 10.87 -4.16
N PRO A 284 20.78 11.07 -5.30
CA PRO A 284 19.31 10.93 -5.29
C PRO A 284 18.84 9.56 -4.91
N SER A 285 19.57 8.51 -5.28
CA SER A 285 19.11 7.16 -4.98
C SER A 285 19.23 6.81 -3.51
N ALA A 286 19.95 7.62 -2.71
CA ALA A 286 20.03 7.41 -1.27
C ALA A 286 18.81 7.94 -0.52
N ARG A 287 18.00 8.79 -1.15
CA ARG A 287 16.89 9.41 -0.45
C ARG A 287 15.79 8.40 -0.16
N LEU A 288 15.06 8.63 0.92
CA LEU A 288 13.92 7.80 1.25
C LEU A 288 12.85 7.93 0.18
N THR A 289 12.01 6.91 0.07
CA THR A 289 10.82 6.96 -0.77
C THR A 289 9.65 7.51 0.03
N ALA A 290 8.62 7.97 -0.70
CA ALA A 290 7.42 8.49 -0.05
C ALA A 290 6.79 7.44 0.87
N LEU A 291 6.78 6.18 0.44
CA LEU A 291 6.19 5.15 1.27
C LEU A 291 6.98 4.95 2.56
N ARG A 292 8.31 5.00 2.47
CA ARG A 292 9.10 4.85 3.68
C ARG A 292 8.93 6.04 4.61
N ILE A 293 8.76 7.24 4.05
CA ILE A 293 8.49 8.42 4.88
C ILE A 293 7.19 8.25 5.63
N LYS A 294 6.14 7.78 4.93
CA LYS A 294 4.85 7.55 5.59
C LYS A 294 5.03 6.60 6.77
N LYS A 295 5.71 5.47 6.55
CA LYS A 295 5.91 4.52 7.63
C LYS A 295 6.61 5.18 8.82
N THR A 296 7.71 5.88 8.55
CA THR A 296 8.45 6.53 9.63
C THR A 296 7.57 7.51 10.39
N LEU A 297 6.76 8.29 9.68
CA LEU A 297 5.90 9.25 10.36
C LEU A 297 4.85 8.56 11.24
N THR A 298 4.35 7.38 10.83
CA THR A 298 3.34 6.72 11.65
C THR A 298 3.91 6.19 12.96
N LYS A 299 5.23 6.00 13.02
CA LYS A 299 5.88 5.49 14.22
C LYS A 299 6.39 6.61 15.13
N ILE A 300 6.28 7.85 14.71
CA ILE A 300 6.65 8.96 15.59
C ILE A 300 5.47 9.24 16.50
N ASP A 301 5.72 9.25 17.81
CA ASP A 301 4.67 9.45 18.80
C ASP A 301 3.60 8.36 18.70
N VAL B 6 -6.64 -43.39 -21.88
CA VAL B 6 -7.14 -42.11 -21.42
C VAL B 6 -8.66 -42.19 -21.17
N ALA B 7 -9.07 -41.91 -19.95
CA ALA B 7 -10.48 -41.69 -19.59
C ALA B 7 -10.57 -40.26 -19.04
N ARG B 8 -10.65 -39.29 -19.94
CA ARG B 8 -10.45 -37.89 -19.60
C ARG B 8 -11.74 -37.11 -19.35
N ASP B 9 -12.90 -37.64 -19.73
CA ASP B 9 -14.12 -36.85 -19.68
C ASP B 9 -14.51 -36.52 -18.24
N ILE B 10 -15.11 -35.34 -18.07
CA ILE B 10 -15.57 -34.87 -16.77
C ILE B 10 -17.01 -34.42 -16.92
N THR B 11 -17.82 -34.64 -15.89
CA THR B 11 -19.16 -34.09 -15.80
C THR B 11 -19.25 -33.12 -14.64
N LEU B 12 -19.80 -31.94 -14.91
CA LEU B 12 -19.98 -30.90 -13.90
C LEU B 12 -21.34 -31.06 -13.25
N LEU B 13 -21.35 -31.29 -11.95
CA LEU B 13 -22.56 -31.71 -11.25
C LEU B 13 -23.20 -30.63 -10.41
N GLU B 14 -22.42 -29.83 -9.71
CA GLU B 14 -22.95 -28.85 -8.78
C GLU B 14 -21.91 -27.75 -8.57
N CYS B 15 -22.36 -26.51 -8.60
CA CYS B 15 -21.49 -25.39 -8.29
C CYS B 15 -21.41 -25.26 -6.77
N VAL B 16 -20.19 -25.34 -6.23
CA VAL B 16 -19.94 -25.23 -4.80
C VAL B 16 -19.34 -23.87 -4.42
N GLY B 17 -19.01 -23.05 -5.39
CA GLY B 17 -18.54 -21.71 -5.10
C GLY B 17 -18.55 -20.85 -6.35
N LYS B 18 -18.88 -19.57 -6.16
CA LYS B 18 -18.85 -18.59 -7.24
C LYS B 18 -18.40 -17.28 -6.64
N GLY B 19 -17.46 -16.64 -7.29
CA GLY B 19 -17.00 -15.34 -6.86
C GLY B 19 -16.22 -14.63 -7.95
N ARG B 20 -15.48 -13.60 -7.54
CA ARG B 20 -14.66 -12.83 -8.47
C ARG B 20 -13.56 -13.68 -9.08
N TYR B 21 -13.16 -14.75 -8.40
CA TYR B 21 -12.15 -15.67 -8.90
C TYR B 21 -12.69 -16.55 -10.03
N GLY B 22 -14.00 -16.63 -10.17
CA GLY B 22 -14.61 -17.58 -11.09
C GLY B 22 -15.59 -18.44 -10.36
N GLU B 23 -15.53 -19.74 -10.62
CA GLU B 23 -16.48 -20.69 -10.05
C GLU B 23 -15.74 -21.98 -9.78
N VAL B 24 -16.21 -22.71 -8.77
CA VAL B 24 -15.73 -24.07 -8.50
C VAL B 24 -16.92 -25.00 -8.53
N TRP B 25 -16.76 -26.14 -9.19
CA TRP B 25 -17.80 -27.13 -9.33
C TRP B 25 -17.33 -28.46 -8.75
N ARG B 26 -18.24 -29.17 -8.11
CA ARG B 26 -18.07 -30.61 -7.91
C ARG B 26 -18.36 -31.29 -9.24
N GLY B 27 -17.43 -32.13 -9.70
CA GLY B 27 -17.60 -32.88 -10.93
C GLY B 27 -17.32 -34.35 -10.69
N SER B 28 -17.53 -35.12 -11.75
CA SER B 28 -17.26 -36.54 -11.76
C SER B 28 -16.22 -36.86 -12.84
N TRP B 29 -15.22 -37.64 -12.46
CA TRP B 29 -14.13 -38.02 -13.36
C TRP B 29 -13.67 -39.40 -12.95
N GLN B 30 -13.65 -40.33 -13.91
CA GLN B 30 -13.27 -41.72 -13.62
C GLN B 30 -13.99 -42.24 -12.39
N GLY B 31 -15.29 -41.95 -12.32
CA GLY B 31 -16.12 -42.43 -11.22
C GLY B 31 -15.86 -41.80 -9.88
N GLU B 32 -15.03 -40.78 -9.79
CA GLU B 32 -14.68 -40.15 -8.53
C GLU B 32 -15.07 -38.68 -8.55
N ASN B 33 -15.28 -38.11 -7.37
CA ASN B 33 -15.54 -36.68 -7.26
C ASN B 33 -14.25 -35.91 -7.52
N VAL B 34 -14.35 -34.82 -8.27
CA VAL B 34 -13.24 -33.88 -8.45
C VAL B 34 -13.78 -32.47 -8.27
N ALA B 35 -12.89 -31.54 -7.97
CA ALA B 35 -13.21 -30.13 -7.97
C ALA B 35 -12.68 -29.51 -9.26
N VAL B 36 -13.53 -28.73 -9.93
CA VAL B 36 -13.19 -28.10 -11.20
C VAL B 36 -13.35 -26.60 -11.00
N LYS B 37 -12.24 -25.89 -11.03
CA LYS B 37 -12.24 -24.44 -10.96
C LYS B 37 -12.16 -23.88 -12.37
N ILE B 38 -13.10 -22.97 -12.68
CA ILE B 38 -13.14 -22.25 -13.94
C ILE B 38 -12.86 -20.80 -13.61
N PHE B 39 -11.72 -20.30 -14.08
CA PHE B 39 -11.22 -19.01 -13.65
C PHE B 39 -11.94 -17.87 -14.35
N SER B 40 -12.14 -16.77 -13.62
CA SER B 40 -12.54 -15.52 -14.24
C SER B 40 -11.47 -15.03 -15.21
N SER B 41 -11.90 -14.29 -16.23
CA SER B 41 -10.94 -13.63 -17.11
C SER B 41 -10.00 -12.75 -16.31
N ARG B 42 -10.55 -12.10 -15.27
CA ARG B 42 -9.78 -11.24 -14.38
C ARG B 42 -8.59 -11.95 -13.78
N ASP B 43 -8.68 -13.26 -13.58
CA ASP B 43 -7.69 -14.01 -12.82
C ASP B 43 -6.82 -14.90 -13.71
N GLU B 44 -6.73 -14.58 -15.00
CA GLU B 44 -5.99 -15.43 -15.93
C GLU B 44 -4.52 -15.59 -15.54
N LYS B 45 -3.91 -14.57 -14.94
CA LYS B 45 -2.51 -14.69 -14.54
C LYS B 45 -2.36 -15.64 -13.36
N SER B 46 -3.36 -15.68 -12.47
CA SER B 46 -3.33 -16.66 -11.40
C SER B 46 -3.40 -18.09 -11.95
N TRP B 47 -4.26 -18.33 -12.93
CA TRP B 47 -4.35 -19.65 -13.53
C TRP B 47 -2.97 -20.09 -14.01
N PHE B 48 -2.26 -19.21 -14.71
CA PHE B 48 -0.98 -19.62 -15.25
C PHE B 48 0.04 -19.86 -14.15
N ARG B 49 0.08 -19.00 -13.14
CA ARG B 49 1.02 -19.19 -12.04
C ARG B 49 0.74 -20.50 -11.32
N GLU B 50 -0.52 -20.80 -11.06
CA GLU B 50 -0.86 -22.05 -10.39
C GLU B 50 -0.42 -23.25 -11.21
N THR B 51 -0.58 -23.18 -12.53
CA THR B 51 -0.15 -24.24 -13.43
C THR B 51 1.36 -24.42 -13.39
N GLU B 52 2.12 -23.31 -13.40
CA GLU B 52 3.57 -23.39 -13.24
C GLU B 52 3.94 -24.07 -11.92
N LEU B 53 3.25 -23.75 -10.84
CA LEU B 53 3.58 -24.34 -9.55
C LEU B 53 3.29 -25.84 -9.55
N TYR B 54 2.12 -26.24 -10.06
CA TYR B 54 1.74 -27.64 -10.04
C TYR B 54 2.56 -28.49 -10.99
N ASN B 55 3.36 -27.88 -11.86
CA ASN B 55 4.31 -28.64 -12.67
C ASN B 55 5.41 -29.27 -11.83
N THR B 56 5.54 -28.87 -10.56
CA THR B 56 6.58 -29.39 -9.69
C THR B 56 6.13 -30.73 -9.11
N VAL B 57 6.77 -31.84 -9.53
CA VAL B 57 6.29 -33.15 -9.07
C VAL B 57 6.38 -33.25 -7.55
N MET B 58 7.52 -32.81 -6.97
CA MET B 58 7.70 -32.95 -5.52
C MET B 58 6.89 -31.94 -4.68
N LEU B 59 6.07 -31.12 -5.31
CA LEU B 59 5.11 -30.34 -4.54
C LEU B 59 4.14 -31.27 -3.80
N ARG B 60 3.86 -32.44 -4.36
N ARG B 60 3.82 -32.42 -4.38
CA ARG B 60 2.85 -33.34 -3.82
CA ARG B 60 2.87 -33.38 -3.82
C ARG B 60 3.08 -33.58 -2.34
C ARG B 60 3.09 -33.56 -2.33
N HIS B 61 2.01 -33.39 -1.55
CA HIS B 61 2.09 -33.51 -0.11
C HIS B 61 0.67 -33.68 0.45
N GLU B 62 0.57 -34.43 1.56
CA GLU B 62 -0.73 -34.70 2.17
C GLU B 62 -1.50 -33.43 2.53
N ASN B 63 -0.78 -32.35 2.83
CA ASN B 63 -1.40 -31.13 3.29
C ASN B 63 -1.35 -30.01 2.24
N ILE B 64 -1.21 -30.38 0.96
CA ILE B 64 -1.33 -29.47 -0.16
C ILE B 64 -2.39 -30.02 -1.10
N LEU B 65 -3.32 -29.18 -1.52
CA LEU B 65 -4.40 -29.64 -2.40
C LEU B 65 -3.83 -30.36 -3.62
N GLY B 66 -4.32 -31.57 -3.86
CA GLY B 66 -3.76 -32.42 -4.90
C GLY B 66 -4.26 -32.10 -6.30
N PHE B 67 -3.33 -31.97 -7.23
CA PHE B 67 -3.58 -31.56 -8.59
C PHE B 67 -3.88 -32.76 -9.49
N ILE B 68 -4.83 -32.60 -10.39
CA ILE B 68 -5.15 -33.60 -11.40
C ILE B 68 -4.80 -33.10 -12.80
N ALA B 69 -5.30 -31.91 -13.16
CA ALA B 69 -5.01 -31.36 -14.48
C ALA B 69 -5.25 -29.85 -14.48
N SER B 70 -4.68 -29.22 -15.50
CA SER B 70 -4.91 -27.82 -15.82
C SER B 70 -5.09 -27.70 -17.33
N ASP B 71 -6.04 -26.87 -17.75
CA ASP B 71 -6.30 -26.70 -19.17
C ASP B 71 -6.62 -25.26 -19.52
N MET B 72 -6.14 -24.84 -20.69
CA MET B 72 -6.60 -23.63 -21.34
C MET B 72 -7.23 -24.05 -22.66
N THR B 73 -8.49 -23.66 -22.87
CA THR B 73 -9.23 -24.03 -24.07
C THR B 73 -9.77 -22.79 -24.75
N SER B 74 -9.82 -22.82 -26.08
CA SER B 74 -10.37 -21.68 -26.79
C SER B 74 -10.90 -22.05 -28.17
N ARG B 75 -12.00 -21.40 -28.53
CA ARG B 75 -12.45 -21.33 -29.93
C ARG B 75 -12.82 -19.89 -30.21
N HIS B 76 -12.43 -19.39 -31.38
CA HIS B 76 -12.68 -17.99 -31.74
C HIS B 76 -12.08 -17.09 -30.65
N SER B 77 -12.80 -16.14 -30.11
CA SER B 77 -12.25 -15.16 -29.19
C SER B 77 -12.54 -15.46 -27.73
N SER B 78 -13.03 -16.65 -27.43
CA SER B 78 -13.39 -17.04 -26.08
C SER B 78 -12.39 -18.08 -25.55
N THR B 79 -11.89 -17.84 -24.34
CA THR B 79 -10.96 -18.74 -23.68
C THR B 79 -11.52 -19.17 -22.33
N GLN B 80 -11.36 -20.45 -22.01
CA GLN B 80 -11.68 -20.99 -20.71
C GLN B 80 -10.41 -21.52 -20.04
N LEU B 81 -10.32 -21.30 -18.74
CA LEU B 81 -9.16 -21.70 -17.92
C LEU B 81 -9.65 -22.61 -16.82
N TRP B 82 -9.12 -23.83 -16.79
CA TRP B 82 -9.60 -24.89 -15.92
C TRP B 82 -8.47 -25.38 -15.02
N LEU B 83 -8.82 -25.63 -13.77
CA LEU B 83 -7.96 -26.34 -12.84
C LEU B 83 -8.78 -27.45 -12.20
N ILE B 84 -8.28 -28.69 -12.29
CA ILE B 84 -8.97 -29.85 -11.77
C ILE B 84 -8.15 -30.41 -10.61
N THR B 85 -8.79 -30.58 -9.46
CA THR B 85 -8.11 -31.09 -8.27
C THR B 85 -8.95 -32.17 -7.59
N HIS B 86 -8.39 -32.80 -6.57
CA HIS B 86 -9.18 -33.62 -5.67
C HIS B 86 -10.23 -32.77 -4.98
N TYR B 87 -11.28 -33.45 -4.56
CA TYR B 87 -12.47 -32.81 -3.99
C TYR B 87 -12.56 -33.14 -2.51
N HIS B 88 -12.71 -32.11 -1.69
CA HIS B 88 -12.86 -32.27 -0.25
C HIS B 88 -14.25 -31.84 0.18
N GLU B 89 -15.12 -32.83 0.37
CA GLU B 89 -16.54 -32.54 0.57
C GLU B 89 -16.83 -31.80 1.87
N MET B 90 -15.92 -31.81 2.86
CA MET B 90 -16.14 -31.02 4.07
C MET B 90 -15.90 -29.54 3.85
N GLY B 91 -15.37 -29.16 2.69
CA GLY B 91 -15.22 -27.75 2.36
C GLY B 91 -14.06 -27.07 3.04
N SER B 92 -14.15 -25.74 3.11
CA SER B 92 -13.03 -24.99 3.65
C SER B 92 -13.06 -24.93 5.18
N LEU B 93 -11.89 -24.62 5.74
CA LEU B 93 -11.77 -24.40 7.17
C LEU B 93 -12.66 -23.24 7.61
N TYR B 94 -12.76 -22.20 6.80
CA TYR B 94 -13.66 -21.08 7.09
C TYR B 94 -15.08 -21.58 7.30
N ASP B 95 -15.56 -22.43 6.38
CA ASP B 95 -16.91 -23.01 6.47
C ASP B 95 -17.04 -23.91 7.71
N TYR B 96 -16.02 -24.73 7.96
CA TYR B 96 -16.06 -25.74 9.02
C TYR B 96 -16.11 -25.09 10.39
N LEU B 97 -15.31 -24.04 10.59
CA LEU B 97 -15.23 -23.43 11.92
C LEU B 97 -16.53 -22.74 12.30
N GLN B 98 -17.38 -22.42 11.33
CA GLN B 98 -18.65 -21.80 11.69
C GLN B 98 -19.68 -22.80 12.18
N LEU B 99 -19.43 -24.08 11.96
CA LEU B 99 -20.43 -25.10 12.15
C LEU B 99 -20.14 -26.01 13.33
N THR B 100 -18.94 -25.93 13.89
CA THR B 100 -18.56 -26.85 14.94
C THR B 100 -17.51 -26.19 15.82
N THR B 101 -17.42 -26.72 17.02
CA THR B 101 -16.35 -26.43 17.95
C THR B 101 -15.37 -27.59 17.95
N LEU B 102 -14.22 -27.34 18.59
CA LEU B 102 -13.09 -28.25 18.54
C LEU B 102 -12.72 -28.66 19.96
N ASP B 103 -12.23 -29.88 20.09
CA ASP B 103 -11.52 -30.25 21.31
C ASP B 103 -10.03 -30.09 21.08
N THR B 104 -9.23 -30.37 22.11
CA THR B 104 -7.81 -30.12 22.05
C THR B 104 -7.17 -30.92 20.93
N VAL B 105 -7.51 -32.20 20.84
CA VAL B 105 -6.89 -33.05 19.83
C VAL B 105 -7.22 -32.57 18.41
N SER B 106 -8.48 -32.23 18.17
N SER B 106 -8.49 -32.22 18.16
CA SER B 106 -8.86 -31.79 16.83
CA SER B 106 -8.85 -31.80 16.81
C SER B 106 -8.22 -30.45 16.48
C SER B 106 -8.24 -30.44 16.48
N CYS B 107 -8.18 -29.53 17.46
CA CYS B 107 -7.56 -28.22 17.21
C CYS B 107 -6.11 -28.38 16.81
N LEU B 108 -5.34 -29.14 17.59
CA LEU B 108 -3.92 -29.29 17.29
C LEU B 108 -3.70 -30.04 15.99
N ARG B 109 -4.51 -31.06 15.71
CA ARG B 109 -4.38 -31.78 14.44
C ARG B 109 -4.56 -30.85 13.25
N ILE B 110 -5.58 -29.98 13.29
CA ILE B 110 -5.79 -29.00 12.23
C ILE B 110 -4.57 -28.08 12.10
N VAL B 111 -4.16 -27.44 13.19
CA VAL B 111 -3.13 -26.40 13.05
C VAL B 111 -1.77 -27.01 12.73
N LEU B 112 -1.48 -28.20 13.27
CA LEU B 112 -0.23 -28.87 12.91
C LEU B 112 -0.23 -29.25 11.43
N SER B 113 -1.36 -29.69 10.90
CA SER B 113 -1.40 -30.07 9.49
C SER B 113 -1.17 -28.86 8.58
N ILE B 114 -1.72 -27.70 8.94
CA ILE B 114 -1.46 -26.48 8.19
C ILE B 114 0.02 -26.11 8.27
N ALA B 115 0.60 -26.20 9.47
CA ALA B 115 2.02 -25.88 9.60
C ALA B 115 2.87 -26.84 8.79
N SER B 116 2.45 -28.10 8.69
N SER B 116 2.47 -28.11 8.71
CA SER B 116 3.22 -29.08 7.94
CA SER B 116 3.23 -29.09 7.94
C SER B 116 3.17 -28.78 6.44
C SER B 116 3.17 -28.76 6.46
N GLY B 117 1.98 -28.42 5.95
CA GLY B 117 1.87 -27.99 4.57
C GLY B 117 2.71 -26.75 4.29
N LEU B 118 2.66 -25.79 5.21
CA LEU B 118 3.38 -24.53 4.98
C LEU B 118 4.88 -24.75 5.02
N ALA B 119 5.35 -25.57 5.97
CA ALA B 119 6.77 -25.86 6.03
C ALA B 119 7.23 -26.59 4.77
N HIS B 120 6.38 -27.49 4.25
CA HIS B 120 6.69 -28.17 3.01
C HIS B 120 6.84 -27.17 1.87
N LEU B 121 5.90 -26.23 1.77
CA LEU B 121 6.03 -25.20 0.75
C LEU B 121 7.35 -24.42 0.94
N HIS B 122 7.60 -23.95 2.14
CA HIS B 122 8.68 -22.99 2.36
C HIS B 122 10.06 -23.61 2.19
N ILE B 123 10.22 -24.90 2.47
N ILE B 123 10.23 -24.89 2.51
CA ILE B 123 11.54 -25.50 2.53
CA ILE B 123 11.56 -25.49 2.53
C ILE B 123 11.90 -26.08 1.18
C ILE B 123 11.88 -26.02 1.15
N GLU B 124 13.03 -25.62 0.64
CA GLU B 124 13.56 -26.19 -0.59
C GLU B 124 14.03 -27.61 -0.35
N ILE B 125 13.76 -28.49 -1.31
CA ILE B 125 14.35 -29.83 -1.34
C ILE B 125 15.37 -29.87 -2.46
N PHE B 126 16.61 -30.20 -2.12
CA PHE B 126 17.73 -30.15 -3.04
C PHE B 126 17.92 -31.49 -3.74
N GLY B 127 18.83 -31.52 -4.71
CA GLY B 127 19.04 -32.68 -5.54
C GLY B 127 18.03 -32.76 -6.68
N GLY B 130 13.67 -32.75 -6.72
CA GLY B 130 13.64 -31.57 -5.85
C GLY B 130 12.46 -30.65 -6.04
N LYS B 131 12.36 -29.64 -5.17
CA LYS B 131 11.33 -28.64 -5.30
C LYS B 131 11.94 -27.32 -4.84
N PRO B 132 11.62 -26.23 -5.49
CA PRO B 132 12.04 -24.92 -4.98
C PRO B 132 11.33 -24.63 -3.67
N ALA B 133 11.91 -23.69 -2.93
CA ALA B 133 11.15 -23.04 -1.87
C ALA B 133 10.01 -22.24 -2.47
N ILE B 134 8.87 -22.25 -1.78
CA ILE B 134 7.65 -21.61 -2.25
C ILE B 134 7.01 -20.82 -1.13
N ALA B 135 6.66 -19.56 -1.40
CA ALA B 135 5.85 -18.75 -0.52
C ALA B 135 4.47 -18.59 -1.14
N HIS B 136 3.42 -18.74 -0.33
CA HIS B 136 2.06 -18.85 -0.83
C HIS B 136 1.47 -17.49 -1.16
N ARG B 137 1.54 -16.55 -0.22
CA ARG B 137 1.12 -15.15 -0.33
C ARG B 137 -0.37 -14.92 -0.24
N ASP B 138 -1.20 -15.95 -0.10
CA ASP B 138 -2.64 -15.73 0.09
C ASP B 138 -3.21 -16.74 1.07
N LEU B 139 -2.50 -17.00 2.16
CA LEU B 139 -2.97 -17.94 3.16
C LEU B 139 -4.12 -17.33 3.94
N LYS B 140 -5.19 -18.10 4.07
CA LYS B 140 -6.38 -17.68 4.83
C LYS B 140 -7.27 -18.91 4.99
N SER B 141 -8.26 -18.80 5.88
CA SER B 141 -9.06 -19.98 6.18
C SER B 141 -9.89 -20.46 4.99
N LYS B 142 -10.24 -19.57 4.05
CA LYS B 142 -10.98 -20.00 2.87
C LYS B 142 -10.10 -20.76 1.89
N ASN B 143 -8.77 -20.64 2.03
CA ASN B 143 -7.83 -21.33 1.17
C ASN B 143 -7.27 -22.57 1.83
N ILE B 144 -7.94 -23.06 2.87
CA ILE B 144 -7.56 -24.28 3.56
C ILE B 144 -8.77 -25.20 3.56
N LEU B 145 -8.59 -26.42 3.07
CA LEU B 145 -9.66 -27.40 2.97
C LEU B 145 -9.52 -28.43 4.09
N VAL B 146 -10.64 -28.87 4.61
CA VAL B 146 -10.68 -29.85 5.69
C VAL B 146 -10.86 -31.23 5.08
N LYS B 147 -10.08 -32.19 5.58
CA LYS B 147 -10.15 -33.58 5.14
C LYS B 147 -10.84 -34.45 6.19
N LYS B 148 -11.38 -35.58 5.74
CA LYS B 148 -12.12 -36.48 6.62
C LYS B 148 -11.24 -37.07 7.71
N ASN B 149 -9.92 -37.11 7.51
CA ASN B 149 -9.03 -37.61 8.57
C ASN B 149 -8.72 -36.56 9.65
N GLY B 150 -9.34 -35.37 9.57
CA GLY B 150 -9.11 -34.34 10.56
C GLY B 150 -7.97 -33.41 10.26
N GLN B 151 -7.18 -33.70 9.26
CA GLN B 151 -6.15 -32.78 8.80
C GLN B 151 -6.71 -31.87 7.70
N CYS B 152 -5.93 -30.88 7.35
CA CYS B 152 -6.26 -29.90 6.33
C CYS B 152 -5.26 -29.96 5.19
N CYS B 153 -5.62 -29.33 4.09
CA CYS B 153 -4.70 -29.11 2.98
C CYS B 153 -4.80 -27.66 2.55
N ILE B 154 -3.67 -27.12 2.13
CA ILE B 154 -3.56 -25.75 1.65
C ILE B 154 -3.85 -25.70 0.16
N ALA B 155 -4.63 -24.71 -0.28
CA ALA B 155 -5.05 -24.58 -1.66
C ALA B 155 -4.70 -23.18 -2.18
N ASP B 156 -4.76 -23.03 -3.51
CA ASP B 156 -4.68 -21.74 -4.22
C ASP B 156 -3.26 -21.20 -4.28
N LEU B 157 -2.50 -21.65 -5.28
CA LEU B 157 -1.12 -21.26 -5.48
C LEU B 157 -0.97 -20.18 -6.54
N GLY B 158 -2.05 -19.45 -6.85
CA GLY B 158 -2.02 -18.49 -7.94
C GLY B 158 -1.15 -17.26 -7.70
N LEU B 159 -0.81 -16.97 -6.46
CA LEU B 159 0.05 -15.84 -6.14
C LEU B 159 1.42 -16.29 -5.68
N ALA B 160 1.70 -17.58 -5.72
CA ALA B 160 2.90 -18.11 -5.11
C ALA B 160 4.17 -17.64 -5.84
N VAL B 161 5.25 -17.51 -5.07
CA VAL B 161 6.58 -17.17 -5.58
C VAL B 161 7.54 -18.30 -5.25
N MET B 162 8.48 -18.55 -6.16
CA MET B 162 9.39 -19.68 -6.01
C MET B 162 10.83 -19.19 -5.97
N HIS B 163 11.66 -19.92 -5.24
CA HIS B 163 13.05 -19.54 -5.07
C HIS B 163 13.91 -20.80 -5.01
N SER B 164 15.03 -20.78 -5.69
N SER B 164 15.01 -20.80 -5.73
CA SER B 164 16.01 -21.87 -5.64
CA SER B 164 16.01 -21.85 -5.63
C SER B 164 17.33 -21.31 -5.14
C SER B 164 17.29 -21.25 -5.10
N GLN B 165 17.70 -21.69 -3.91
CA GLN B 165 18.95 -21.23 -3.29
C GLN B 165 20.16 -21.80 -4.03
N SER B 166 20.05 -23.08 -4.43
CA SER B 166 21.10 -23.79 -5.15
C SER B 166 21.55 -23.02 -6.39
N THR B 167 20.61 -22.43 -7.11
CA THR B 167 20.93 -21.75 -8.36
C THR B 167 20.74 -20.24 -8.27
N ASN B 168 20.40 -19.72 -7.09
CA ASN B 168 20.23 -18.27 -6.91
C ASN B 168 19.17 -17.69 -7.84
N GLN B 169 18.02 -18.36 -7.93
CA GLN B 169 16.93 -17.92 -8.79
C GLN B 169 15.71 -17.59 -7.95
N LEU B 170 15.07 -16.45 -8.27
CA LEU B 170 13.83 -16.03 -7.64
C LEU B 170 12.81 -15.79 -8.75
N ASP B 171 11.68 -16.48 -8.67
CA ASP B 171 10.62 -16.34 -9.67
C ASP B 171 9.41 -15.72 -8.98
N VAL B 172 9.25 -14.41 -9.14
CA VAL B 172 8.10 -13.70 -8.56
C VAL B 172 6.86 -13.81 -9.42
N GLY B 173 6.98 -14.38 -10.61
CA GLY B 173 5.84 -14.47 -11.50
C GLY B 173 5.35 -13.10 -11.92
N ASN B 174 4.32 -13.08 -12.77
CA ASN B 174 3.75 -11.85 -13.33
C ASN B 174 2.26 -11.87 -13.00
N ASN B 175 1.89 -11.22 -11.91
CA ASN B 175 0.51 -11.27 -11.49
C ASN B 175 0.18 -10.06 -10.63
N PRO B 176 -0.63 -9.12 -11.14
CA PRO B 176 -0.94 -7.90 -10.37
C PRO B 176 -1.82 -8.14 -9.17
N ARG B 177 -2.35 -9.35 -8.98
CA ARG B 177 -3.20 -9.64 -7.84
C ARG B 177 -2.41 -9.44 -6.55
N VAL B 178 -3.12 -9.05 -5.49
CA VAL B 178 -2.54 -8.97 -4.15
C VAL B 178 -3.33 -9.88 -3.24
N GLY B 179 -2.74 -10.20 -2.09
CA GLY B 179 -3.38 -11.10 -1.15
C GLY B 179 -4.71 -10.55 -0.62
N THR B 180 -5.37 -11.39 0.15
CA THR B 180 -6.64 -11.02 0.73
C THR B 180 -6.42 -9.95 1.81
N LYS B 181 -7.17 -8.85 1.70
CA LYS B 181 -6.84 -7.65 2.48
C LYS B 181 -6.81 -7.93 3.99
N ARG B 182 -7.78 -8.71 4.49
CA ARG B 182 -7.88 -8.93 5.94
C ARG B 182 -6.64 -9.63 6.51
N TYR B 183 -5.95 -10.40 5.68
CA TYR B 183 -4.80 -11.19 6.12
C TYR B 183 -3.44 -10.59 5.76
N MET B 184 -3.41 -9.40 5.19
CA MET B 184 -2.17 -8.82 4.74
C MET B 184 -1.30 -8.36 5.89
N ALA B 185 -0.01 -8.70 5.80
CA ALA B 185 0.97 -8.30 6.80
C ALA B 185 1.21 -6.79 6.75
N PRO B 186 1.71 -6.23 7.84
CA PRO B 186 1.97 -4.77 7.87
C PRO B 186 2.78 -4.26 6.72
N GLU B 187 3.84 -4.99 6.35
CA GLU B 187 4.75 -4.56 5.30
C GLU B 187 4.11 -4.64 3.93
N VAL B 188 3.06 -5.45 3.78
CA VAL B 188 2.28 -5.43 2.54
C VAL B 188 1.32 -4.24 2.55
N LEU B 189 0.68 -3.98 3.69
CA LEU B 189 -0.26 -2.87 3.77
C LEU B 189 0.41 -1.50 3.65
N ASP B 190 1.62 -1.34 4.17
CA ASP B 190 2.36 -0.10 4.02
C ASP B 190 3.28 -0.10 2.81
N GLU B 191 3.28 -1.19 2.04
CA GLU B 191 3.97 -1.28 0.76
C GLU B 191 5.47 -1.10 0.89
N THR B 192 6.03 -1.39 2.06
CA THR B 192 7.47 -1.32 2.22
C THR B 192 8.14 -2.68 2.08
N ILE B 193 7.38 -3.74 1.82
CA ILE B 193 7.96 -5.08 1.73
C ILE B 193 9.05 -5.09 0.67
N GLN B 194 10.14 -5.81 0.97
CA GLN B 194 11.30 -5.89 0.08
C GLN B 194 10.99 -6.88 -1.04
N VAL B 195 10.68 -6.35 -2.23
CA VAL B 195 10.07 -7.17 -3.27
C VAL B 195 11.01 -8.17 -3.92
N ASP B 196 12.33 -7.99 -3.82
CA ASP B 196 13.29 -8.90 -4.43
C ASP B 196 13.89 -9.86 -3.41
N CYS B 197 13.27 -9.98 -2.25
CA CYS B 197 13.80 -10.79 -1.15
C CYS B 197 12.83 -11.93 -0.87
N PHE B 198 13.24 -13.16 -1.14
CA PHE B 198 12.33 -14.27 -0.96
C PHE B 198 11.92 -14.43 0.49
N ASP B 199 12.84 -14.21 1.43
CA ASP B 199 12.47 -14.37 2.83
C ASP B 199 11.33 -13.46 3.21
N SER B 200 11.23 -12.29 2.58
CA SER B 200 10.13 -11.38 2.87
C SER B 200 8.79 -12.06 2.61
N TYR B 201 8.68 -12.84 1.56
CA TYR B 201 7.41 -13.47 1.23
C TYR B 201 7.09 -14.60 2.19
N LYS B 202 8.10 -15.37 2.62
CA LYS B 202 7.85 -16.36 3.66
C LYS B 202 7.31 -15.73 4.92
N ARG B 203 7.81 -14.54 5.27
CA ARG B 203 7.37 -13.87 6.49
C ARG B 203 5.94 -13.36 6.40
N VAL B 204 5.48 -13.03 5.20
CA VAL B 204 4.07 -12.67 4.98
C VAL B 204 3.17 -13.87 5.25
N ASP B 205 3.61 -15.06 4.84
CA ASP B 205 2.84 -16.27 5.12
C ASP B 205 2.75 -16.52 6.62
N ILE B 206 3.83 -16.26 7.36
CA ILE B 206 3.83 -16.50 8.80
C ILE B 206 2.80 -15.63 9.50
N TRP B 207 2.77 -14.34 9.15
CA TRP B 207 1.76 -13.43 9.66
C TRP B 207 0.37 -14.00 9.46
N ALA B 208 0.06 -14.41 8.22
CA ALA B 208 -1.27 -14.91 7.91
C ALA B 208 -1.54 -16.20 8.67
N PHE B 209 -0.51 -17.06 8.82
CA PHE B 209 -0.71 -18.29 9.58
C PHE B 209 -1.09 -17.98 11.02
N GLY B 210 -0.44 -16.98 11.62
CA GLY B 210 -0.83 -16.56 12.95
C GLY B 210 -2.30 -16.22 13.04
N LEU B 211 -2.82 -15.52 12.03
CA LEU B 211 -4.22 -15.14 12.01
C LEU B 211 -5.13 -16.37 11.93
N VAL B 212 -4.74 -17.35 11.09
CA VAL B 212 -5.50 -18.59 11.01
C VAL B 212 -5.47 -19.34 12.34
N LEU B 213 -4.30 -19.42 12.98
CA LEU B 213 -4.21 -20.05 14.29
C LEU B 213 -5.16 -19.40 15.29
N TRP B 214 -5.29 -18.07 15.25
CA TRP B 214 -6.23 -17.38 16.14
C TRP B 214 -7.67 -17.75 15.81
N GLU B 215 -7.99 -17.82 14.53
CA GLU B 215 -9.35 -18.14 14.13
C GLU B 215 -9.76 -19.53 14.60
N VAL B 216 -8.83 -20.48 14.51
CA VAL B 216 -9.09 -21.85 14.91
C VAL B 216 -9.18 -21.96 16.43
N ALA B 217 -8.21 -21.38 17.13
CA ALA B 217 -8.14 -21.54 18.58
C ALA B 217 -9.37 -20.98 19.26
N ARG B 218 -9.97 -19.94 18.68
CA ARG B 218 -11.20 -19.39 19.25
C ARG B 218 -12.29 -20.45 19.36
N ARG B 219 -12.26 -21.44 18.47
CA ARG B 219 -13.30 -22.47 18.40
C ARG B 219 -12.97 -23.71 19.22
N MET B 220 -11.84 -23.71 19.92
CA MET B 220 -11.49 -24.82 20.81
C MET B 220 -12.10 -24.58 22.18
N VAL B 221 -12.87 -25.55 22.66
CA VAL B 221 -13.55 -25.42 23.94
C VAL B 221 -12.54 -25.60 25.06
N SER B 222 -12.60 -24.73 26.08
CA SER B 222 -11.90 -25.00 27.32
C SER B 222 -12.78 -24.57 28.48
N ASN B 223 -12.87 -25.42 29.49
CA ASN B 223 -13.63 -25.13 30.70
C ASN B 223 -15.05 -24.67 30.37
N GLY B 224 -15.64 -25.28 29.35
CA GLY B 224 -17.01 -24.99 29.00
C GLY B 224 -17.23 -23.69 28.27
N ILE B 225 -16.16 -23.04 27.82
CA ILE B 225 -16.22 -21.74 27.16
C ILE B 225 -15.67 -21.89 25.74
N VAL B 226 -16.32 -21.23 24.79
CA VAL B 226 -15.80 -21.13 23.43
C VAL B 226 -16.21 -19.78 22.85
N GLU B 227 -15.39 -19.26 21.93
CA GLU B 227 -15.78 -18.02 21.26
C GLU B 227 -16.53 -18.34 19.96
N ASP B 228 -17.41 -17.43 19.53
CA ASP B 228 -18.03 -17.55 18.22
C ASP B 228 -16.96 -17.42 17.12
N TYR B 229 -17.24 -18.01 15.96
CA TYR B 229 -16.34 -17.80 14.84
C TYR B 229 -16.37 -16.32 14.45
N LYS B 230 -15.19 -15.72 14.34
CA LYS B 230 -15.06 -14.39 13.74
C LYS B 230 -13.81 -14.33 12.86
N PRO B 231 -13.84 -13.54 11.80
CA PRO B 231 -12.64 -13.36 10.99
C PRO B 231 -11.67 -12.39 11.66
N PRO B 232 -10.40 -12.43 11.29
CA PRO B 232 -9.43 -11.49 11.86
C PRO B 232 -9.88 -10.04 11.71
N PHE B 233 -9.75 -9.29 12.80
CA PHE B 233 -10.01 -7.84 12.82
C PHE B 233 -11.48 -7.50 12.67
N TYR B 234 -12.37 -8.48 12.90
CA TYR B 234 -13.80 -8.26 12.77
C TYR B 234 -14.28 -7.07 13.59
N ASP B 235 -13.66 -6.81 14.73
CA ASP B 235 -14.16 -5.81 15.67
C ASP B 235 -13.68 -4.39 15.36
N VAL B 236 -12.75 -4.22 14.43
CA VAL B 236 -12.09 -2.93 14.26
C VAL B 236 -12.10 -2.35 12.86
N VAL B 237 -12.58 -3.09 11.86
CA VAL B 237 -12.69 -2.57 10.51
C VAL B 237 -14.12 -2.70 10.04
N PRO B 238 -14.51 -1.91 9.03
CA PRO B 238 -15.83 -2.08 8.43
C PRO B 238 -15.98 -3.45 7.78
N ASN B 239 -17.23 -3.83 7.55
CA ASN B 239 -17.51 -4.96 6.68
C ASN B 239 -16.87 -4.72 5.32
N ASP B 240 -16.42 -5.80 4.68
CA ASP B 240 -15.73 -5.71 3.40
C ASP B 240 -14.62 -4.65 3.43
N PRO B 241 -13.66 -4.78 4.34
CA PRO B 241 -12.67 -3.71 4.53
C PRO B 241 -11.82 -3.50 3.30
N SER B 242 -11.50 -2.23 3.07
CA SER B 242 -10.59 -1.83 2.01
C SER B 242 -9.14 -2.01 2.45
N PHE B 243 -8.25 -1.93 1.46
CA PHE B 243 -6.81 -1.87 1.72
C PHE B 243 -6.47 -0.79 2.75
N GLU B 244 -7.02 0.40 2.58
CA GLU B 244 -6.72 1.49 3.50
C GLU B 244 -7.32 1.24 4.88
N ASP B 245 -8.49 0.58 4.95
CA ASP B 245 -9.07 0.23 6.25
C ASP B 245 -8.13 -0.69 7.03
N MET B 246 -7.58 -1.72 6.35
CA MET B 246 -6.66 -2.63 6.99
C MET B 246 -5.37 -1.93 7.39
N ARG B 247 -4.83 -1.09 6.50
CA ARG B 247 -3.63 -0.34 6.84
C ARG B 247 -3.82 0.47 8.10
N LYS B 248 -4.99 1.09 8.25
CA LYS B 248 -5.27 1.88 9.44
C LYS B 248 -5.10 1.05 10.71
N VAL B 249 -5.74 -0.11 10.76
CA VAL B 249 -5.75 -0.86 12.01
C VAL B 249 -4.41 -1.55 12.24
N VAL B 250 -3.81 -2.12 11.20
CA VAL B 250 -2.60 -2.92 11.37
C VAL B 250 -1.36 -2.04 11.50
N CYS B 251 -1.24 -1.02 10.66
CA CYS B 251 -0.05 -0.20 10.57
C CYS B 251 -0.11 1.06 11.43
N VAL B 252 -1.22 1.80 11.38
CA VAL B 252 -1.29 3.05 12.12
C VAL B 252 -1.62 2.78 13.59
N ASP B 253 -2.64 1.96 13.84
CA ASP B 253 -3.10 1.67 15.19
C ASP B 253 -2.35 0.52 15.83
N GLN B 254 -1.54 -0.21 15.06
CA GLN B 254 -0.74 -1.32 15.58
C GLN B 254 -1.59 -2.39 16.25
N GLN B 255 -2.76 -2.64 15.70
CA GLN B 255 -3.69 -3.60 16.28
C GLN B 255 -3.28 -5.03 15.93
N ARG B 256 -3.57 -5.93 16.84
CA ARG B 256 -3.43 -7.37 16.64
C ARG B 256 -4.66 -8.03 17.25
N PRO B 257 -5.02 -9.22 16.79
CA PRO B 257 -6.19 -9.89 17.37
C PRO B 257 -6.04 -10.07 18.87
N ASN B 258 -7.15 -9.82 19.58
CA ASN B 258 -7.15 -9.97 21.04
C ASN B 258 -7.16 -11.44 21.45
N ILE B 259 -6.41 -11.75 22.51
CA ILE B 259 -6.39 -13.09 23.10
C ILE B 259 -7.47 -13.13 24.18
N PRO B 260 -8.50 -13.95 24.03
CA PRO B 260 -9.47 -14.10 25.12
C PRO B 260 -8.81 -14.56 26.40
N ASN B 261 -9.19 -13.93 27.51
CA ASN B 261 -8.52 -14.26 28.77
C ASN B 261 -8.80 -15.67 29.24
N ARG B 262 -9.91 -16.29 28.81
CA ARG B 262 -10.18 -17.68 29.18
C ARG B 262 -9.12 -18.64 28.65
N TRP B 263 -8.37 -18.25 27.61
CA TRP B 263 -7.32 -19.12 27.11
C TRP B 263 -6.25 -19.36 28.16
N PHE B 264 -6.02 -18.40 29.04
CA PHE B 264 -4.88 -18.54 29.94
C PHE B 264 -5.12 -19.53 31.05
N SER B 265 -6.35 -20.05 31.17
CA SER B 265 -6.63 -21.16 32.08
C SER B 265 -6.33 -22.52 31.46
N ASP B 266 -6.05 -22.59 30.16
CA ASP B 266 -5.83 -23.83 29.44
C ASP B 266 -4.39 -23.88 28.92
N PRO B 267 -3.64 -24.93 29.23
CA PRO B 267 -2.23 -24.96 28.79
C PRO B 267 -2.04 -24.94 27.29
N THR B 268 -2.92 -25.63 26.55
CA THR B 268 -2.80 -25.67 25.10
C THR B 268 -3.03 -24.29 24.51
N LEU B 269 -4.11 -23.63 24.92
CA LEU B 269 -4.41 -22.31 24.39
C LEU B 269 -3.35 -21.30 24.83
N THR B 270 -2.83 -21.43 26.04
CA THR B 270 -1.74 -20.54 26.47
C THR B 270 -0.55 -20.67 25.54
N SER B 271 -0.17 -21.91 25.19
CA SER B 271 0.94 -22.12 24.27
C SER B 271 0.63 -21.59 22.88
N LEU B 272 -0.61 -21.82 22.41
CA LEU B 272 -0.97 -21.33 21.10
C LEU B 272 -0.94 -19.80 21.04
N ALA B 273 -1.39 -19.14 22.11
CA ALA B 273 -1.36 -17.67 22.16
C ALA B 273 0.06 -17.14 22.06
N LYS B 274 1.02 -17.79 22.72
CA LYS B 274 2.41 -17.40 22.62
C LYS B 274 2.90 -17.56 21.18
N LEU B 275 2.52 -18.65 20.53
CA LEU B 275 2.91 -18.91 19.15
C LEU B 275 2.36 -17.88 18.20
N MET B 276 1.06 -17.59 18.31
CA MET B 276 0.43 -16.56 17.48
C MET B 276 1.19 -15.24 17.58
N LYS B 277 1.48 -14.81 18.81
CA LYS B 277 2.09 -13.51 18.98
C LYS B 277 3.46 -13.45 18.34
N GLU B 278 4.16 -14.58 18.27
CA GLU B 278 5.45 -14.67 17.59
C GLU B 278 5.34 -14.72 16.07
N CYS B 279 4.13 -14.78 15.55
CA CYS B 279 3.88 -14.60 14.13
C CYS B 279 3.55 -13.15 13.76
N TRP B 280 3.30 -12.30 14.76
CA TRP B 280 2.71 -10.99 14.52
C TRP B 280 3.63 -9.82 14.81
N TYR B 281 4.93 -10.05 14.97
CA TYR B 281 5.82 -8.92 15.18
C TYR B 281 5.76 -8.01 13.97
N GLN B 282 5.78 -6.68 14.21
CA GLN B 282 5.90 -5.75 13.09
C GLN B 282 7.17 -6.02 12.30
N ASN B 283 8.27 -6.28 13.01
CA ASN B 283 9.52 -6.60 12.35
C ASN B 283 9.46 -7.99 11.74
N PRO B 284 9.42 -8.13 10.42
CA PRO B 284 9.21 -9.46 9.83
C PRO B 284 10.28 -10.45 10.22
N SER B 285 11.55 -10.01 10.34
CA SER B 285 12.64 -10.93 10.62
C SER B 285 12.56 -11.52 12.03
N ALA B 286 11.73 -10.96 12.91
CA ALA B 286 11.55 -11.49 14.24
C ALA B 286 10.55 -12.64 14.31
N ARG B 287 9.75 -12.81 13.27
CA ARG B 287 8.73 -13.85 13.24
C ARG B 287 9.36 -15.23 13.19
N LEU B 288 8.65 -16.19 13.78
CA LEU B 288 9.06 -17.59 13.70
C LEU B 288 9.03 -18.08 12.26
N THR B 289 9.81 -19.12 12.00
CA THR B 289 9.79 -19.80 10.72
C THR B 289 8.73 -20.90 10.74
N ALA B 290 8.34 -21.32 9.54
CA ALA B 290 7.36 -22.41 9.41
C ALA B 290 7.87 -23.67 10.08
N LEU B 291 9.14 -23.98 9.88
CA LEU B 291 9.71 -25.17 10.51
C LEU B 291 9.61 -25.09 12.04
N ARG B 292 9.95 -23.93 12.61
CA ARG B 292 9.87 -23.81 14.07
C ARG B 292 8.44 -23.94 14.56
N ILE B 293 7.48 -23.34 13.84
CA ILE B 293 6.08 -23.48 14.20
C ILE B 293 5.70 -24.95 14.23
N LYS B 294 6.08 -25.68 13.17
CA LYS B 294 5.77 -27.10 13.09
C LYS B 294 6.35 -27.84 14.28
N LYS B 295 7.61 -27.56 14.62
CA LYS B 295 8.27 -28.24 15.73
C LYS B 295 7.57 -27.93 17.04
N THR B 296 7.15 -26.67 17.22
CA THR B 296 6.49 -26.27 18.48
C THR B 296 5.14 -26.95 18.61
N LEU B 297 4.35 -26.97 17.53
CA LEU B 297 3.04 -27.60 17.57
C LEU B 297 3.14 -29.11 17.75
N THR B 298 4.21 -29.71 17.25
CA THR B 298 4.42 -31.13 17.47
C THR B 298 4.63 -31.45 18.94
N LYS B 299 5.23 -30.52 19.69
CA LYS B 299 5.54 -30.76 21.09
C LYS B 299 4.38 -30.44 22.03
N ILE B 300 3.44 -29.59 21.63
CA ILE B 300 2.32 -29.18 22.48
C ILE B 300 1.42 -30.38 22.77
S SO4 C . 11.02 32.98 -4.24
O1 SO4 C . 11.48 31.60 -4.02
O2 SO4 C . 9.62 33.08 -3.83
O3 SO4 C . 11.13 33.34 -5.66
O4 SO4 C . 11.80 33.93 -3.41
C1 EDO D . 21.33 26.87 4.50
O1 EDO D . 20.10 27.57 4.72
C2 EDO D . 22.18 26.82 5.76
O2 EDO D . 22.27 28.11 6.35
H11 EDO D . 21.89 27.37 3.71
H12 EDO D . 21.11 25.86 4.16
HO1 EDO D . 19.46 27.35 4.02
H21 EDO D . 23.18 26.44 5.52
H22 EDO D . 21.73 26.11 6.47
HO2 EDO D . 22.23 28.04 7.32
O1 TAR E . 3.68 35.68 -7.80
O11 TAR E . 4.27 37.24 -9.21
C1 TAR E . 4.17 36.02 -8.92
C2 TAR E . 4.62 34.95 -9.94
O2 TAR E . 6.01 34.94 -10.01
C3 TAR E . 4.06 33.61 -9.46
O3 TAR E . 4.56 33.35 -8.16
C4 TAR E . 4.44 32.40 -10.31
O4 TAR E . 5.49 31.76 -10.06
O41 TAR E . 3.68 32.02 -11.24
H2 TAR E . 4.29 35.13 -10.82
HO2 TAR E . 6.24 35.42 -10.67
H3 TAR E . 3.10 33.70 -9.51
HO3 TAR E . 5.39 33.61 -8.13
C10 Q5Z F . -7.04 28.53 -2.29
C13 Q5Z F . -7.40 31.57 -0.14
C15 Q5Z F . -5.74 33.13 0.95
C17 Q5Z F . -6.40 35.52 1.54
C20 Q5Z F . -4.40 33.38 1.17
C21 Q5Z F . -5.07 31.13 -0.46
C22 Q5Z F . -5.40 30.04 -1.25
C24 Q5Z F . -5.32 29.11 -4.07
C26 Q5Z F . -6.22 25.98 -7.76
C28 Q5Z F . -8.26 26.06 -8.99
C01 Q5Z F . -1.98 26.06 -5.61
C03 Q5Z F . -4.13 25.95 -6.61
C04 Q5Z F . -4.78 26.35 -5.43
C05 Q5Z F . -6.16 26.60 -5.42
C06 Q5Z F . -6.78 27.03 -4.22
C07 Q5Z F . -7.79 26.29 -3.65
C09 Q5Z F . -8.05 27.68 -1.84
C11 Q5Z F . -6.72 29.67 -1.51
C12 Q5Z F . -7.72 30.45 -0.93
C14 Q5Z F . -6.08 31.91 0.10
C16 Q5Z F . -6.63 34.37 0.70
C19 Q5Z F . -4.14 34.68 2.13
C23 Q5Z F . -6.39 28.19 -3.50
C25 Q5Z F . -6.88 26.39 -6.59
C29 Q5Z F . -4.86 25.75 -7.76
C31 Q5Z F . -4.26 23.98 -9.20
N08 Q5Z F . -8.39 26.59 -2.52
N18 Q5Z F . -5.23 35.24 2.61
O02 Q5Z F . -2.76 25.67 -6.70
O27 Q5Z F . -6.91 25.77 -8.96
O30 Q5Z F . -4.19 25.34 -8.91
H131 Q5Z F . -8.09 32.08 0.22
H171 Q5Z F . -6.14 36.24 1.00
H172 Q5Z F . -7.19 35.74 1.99
H202 Q5Z F . -3.98 33.53 0.34
H201 Q5Z F . -4.02 32.63 1.58
H211 Q5Z F . -4.18 31.35 -0.31
H221 Q5Z F . -4.72 29.53 -1.62
H243 Q5Z F . -5.22 28.95 -4.99
H242 Q5Z F . -4.50 28.94 -3.64
H241 Q5Z F . -5.56 30.00 -3.93
H281 Q5Z F . -8.63 25.83 -9.86
H282 Q5Z F . -8.39 27.02 -8.83
H283 Q5Z F . -8.72 25.56 -8.29
H011 Q5Z F . -1.07 26.05 -5.86
H013 Q5Z F . -2.11 25.47 -4.89
H012 Q5Z F . -2.22 26.93 -5.34
H041 Q5Z F . -4.29 26.44 -4.65
H071 Q5Z F . -8.06 25.52 -4.10
H091 Q5Z F . -8.48 27.87 -1.05
H121 Q5Z F . -8.60 30.22 -1.06
H161 Q5Z F . -7.28 34.38 0.04
H192 Q5Z F . -3.68 35.34 1.63
H191 Q5Z F . -3.60 34.43 2.86
H251 Q5Z F . -7.80 26.53 -6.60
H312 Q5Z F . -4.45 23.85 -10.14
H313 Q5Z F . -4.97 23.57 -8.67
H311 Q5Z F . -3.41 23.56 -8.98
H3 Q5Z F . -5.55 34.71 3.21
C10 Q5Z G . -23.58 18.10 -15.47
C13 Q5Z G . -23.15 14.40 -15.54
C15 Q5Z G . -24.46 12.55 -16.69
C17 Q5Z G . -25.89 10.46 -16.47
C20 Q5Z G . -23.42 11.62 -16.68
C21 Q5Z G . -25.02 15.04 -16.88
C22 Q5Z G . -24.77 16.36 -16.57
C24 Q5Z G . -21.19 18.12 -16.22
C26 Q5Z G . -19.69 22.79 -15.22
C28 Q5Z G . -19.13 23.34 -12.96
C01 Q5Z G . -20.06 21.37 -19.79
C03 Q5Z G . -20.00 22.13 -17.52
C04 Q5Z G . -21.01 21.23 -17.12
C05 Q5Z G . -21.34 21.10 -15.75
C06 Q5Z G . -22.40 20.21 -15.46
C07 Q5Z G . -23.58 20.76 -15.02
C09 Q5Z G . -24.72 18.77 -15.02
C11 Q5Z G . -23.73 16.73 -15.72
C12 Q5Z G . -22.91 15.74 -15.23
C14 Q5Z G . -24.20 14.03 -16.37
C16 Q5Z G . -25.80 11.88 -16.36
C19 Q5Z G . -23.73 10.34 -17.67
C23 Q5Z G . -22.43 18.83 -15.73
C25 Q5Z G . -20.69 21.90 -14.81
C29 Q5Z G . -19.37 22.91 -16.57
C31 Q5Z G . -17.06 23.45 -16.72
N08 Q5Z G . -24.69 20.08 -14.78
N18 Q5Z G . -24.91 9.78 -17.56
O02 Q5Z G . -19.63 22.33 -18.85
O27 Q5Z G . -18.98 23.62 -14.32
O30 Q5Z G . -18.40 23.82 -16.98
H131 Q5Z G . -22.60 13.75 -15.18
H171 Q5Z G . -25.69 10.09 -15.63
H172 Q5Z G . -26.77 10.24 -16.70
H202 Q5Z G . -23.32 11.30 -15.80
H201 Q5Z G . -22.63 12.03 -16.95
H211 Q5Z G . -25.73 14.81 -17.44
H221 Q5Z G . -25.31 17.02 -16.94
H243 Q5Z G . -20.63 18.75 -16.65
H242 Q5Z G . -21.43 17.45 -16.82
H241 Q5Z G . -20.73 17.75 -15.49
H281 Q5Z G . -18.54 23.91 -12.44
H282 Q5Z G . -18.92 22.41 -12.80
H283 Q5Z G . -20.05 23.51 -12.69
H011 Q5Z G . -19.74 21.60 -20.63
H013 Q5Z G . -21.00 21.35 -19.79
H012 Q5Z G . -19.73 20.53 -19.54
H041 Q5Z G . -21.47 20.74 -17.76
H071 Q5Z G . -23.61 21.68 -14.89
H091 Q5Z G . -25.49 18.29 -14.87
H121 Q5Z G . -22.18 15.96 -14.68
H161 Q5Z G . -26.53 12.39 -16.09
H192 Q5Z G . -23.08 9.68 -17.50
H191 Q5Z G . -23.62 10.63 -18.56
H251 Q5Z G . -20.93 21.84 -13.92
H312 Q5Z G . -17.06 22.59 -16.27
H313 Q5Z G . -16.65 24.12 -16.15
H311 Q5Z G . -16.58 23.38 -17.55
H3 Q5Z G . -24.81 8.95 -17.36
C10 Q5Z H . -24.17 14.30 -12.21
C13 Q5Z H . -25.08 10.70 -12.55
C15 Q5Z H . -23.72 8.64 -13.20
C17 Q5Z H . -24.85 6.38 -13.18
C20 Q5Z H . -22.63 8.15 -13.92
C21 Q5Z H . -22.73 10.97 -13.06
C22 Q5Z H . -22.86 12.34 -12.83
C24 Q5Z H . -22.01 14.41 -10.79
C26 Q5Z H . -21.64 18.22 -8.57
C28 Q5Z H . -22.95 18.19 -6.61
C01 Q5Z H . -18.66 18.23 -12.27
C03 Q5Z H . -20.20 18.16 -10.44
C04 Q5Z H . -21.17 17.52 -11.19
C05 Q5Z H . -22.42 17.20 -10.63
C06 Q5Z H . -23.40 16.47 -11.35
C07 Q5Z H . -24.50 17.02 -11.95
C09 Q5Z H . -25.26 14.97 -12.73
C11 Q5Z H . -24.07 12.90 -12.42
C12 Q5Z H . -25.19 12.06 -12.31
C14 Q5Z H . -23.86 10.14 -12.94
C16 Q5Z H . -24.55 7.59 -12.46
C19 Q5Z H . -22.52 6.51 -13.89
C23 Q5Z H . -23.22 15.07 -11.49
C25 Q5Z H . -22.64 17.58 -9.30
C29 Q5Z H . -20.43 18.52 -9.14
C31 Q5Z H . -19.38 20.56 -8.39
N08 Q5Z H . -25.40 16.28 -12.58
N18 Q5Z H . -23.64 5.85 -14.06
O02 Q5Z H . -18.95 18.52 -10.93
O27 Q5Z H . -21.80 18.61 -7.24
O30 Q5Z H . -19.41 19.14 -8.39
H131 Q5Z H . -25.82 10.15 -12.47
H171 Q5Z H . -25.09 5.72 -12.56
H172 Q5Z H . -25.59 6.55 -13.74
H202 Q5Z H . -21.85 8.51 -13.56
H201 Q5Z H . -22.72 8.43 -14.81
H211 Q5Z H . -21.92 10.60 -13.31
H221 Q5Z H . -22.12 12.88 -12.94
H243 Q5Z H . -21.79 14.89 -10.02
H242 Q5Z H . -21.28 14.40 -11.38
H241 Q5Z H . -22.23 13.53 -10.55
H281 Q5Z H . -22.92 18.46 -5.68
H282 Q5Z H . -23.01 17.23 -6.67
H283 Q5Z H . -23.72 18.59 -7.05
H011 Q5Z H . -18.57 17.31 -12.38
H013 Q5Z H . -17.85 18.65 -12.51
H012 Q5Z H . -19.35 18.56 -12.81
H041 Q5Z H . -20.99 17.29 -12.07
H071 Q5Z H . -24.62 17.94 -11.91
H091 Q5Z H . -25.91 14.49 -13.18
H121 Q5Z H . -26.01 12.43 -12.07
H161 Q5Z H . -24.84 7.72 -11.59
H192 Q5Z H . -22.15 6.26 -13.06
H191 Q5Z H . -21.92 6.24 -14.57
H251 Q5Z H . -23.46 17.39 -8.89
H312 Q5Z H . -18.65 20.86 -7.83
H313 Q5Z H . -20.23 20.90 -8.05
H311 Q5Z H . -19.24 20.87 -9.30
H3 Q5Z H . -23.86 5.90 -14.90
S SO4 I . 7.47 20.13 -19.21
O1 SO4 I . 8.83 20.12 -18.65
O2 SO4 I . 6.51 19.92 -18.15
O3 SO4 I . 7.22 21.42 -19.86
O4 SO4 I . 7.34 19.07 -20.21
S SO4 J . -12.21 22.11 3.72
O1 SO4 J . -12.31 21.08 2.70
O2 SO4 J . -12.11 21.51 5.03
O3 SO4 J . -13.40 22.96 3.68
O4 SO4 J . -11.05 22.96 3.47
C1 EDO K . -15.00 -9.40 3.99
O1 EDO K . -13.86 -10.21 4.29
C2 EDO K . -16.11 -9.72 4.98
O2 EDO K . -16.41 -8.52 5.72
H11 EDO K . -14.74 -8.35 4.04
H12 EDO K . -15.35 -9.61 2.97
HO1 EDO K . -13.24 -10.18 3.54
H21 EDO K . -15.79 -10.50 5.66
H22 EDO K . -17.01 -10.06 4.46
HO2 EDO K . -17.04 -8.72 6.41
N NH4 L . 15.25 -28.06 17.75
HN1 NH4 L . 16.05 -27.79 18.23
HN2 NH4 L . 15.14 -29.03 17.79
HN3 NH4 L . 14.47 -27.63 18.16
HN4 NH4 L . 15.31 -27.78 16.81
C10 Q5Z M . -14.28 -27.50 -2.22
C13 Q5Z M . -17.86 -27.75 -1.19
C15 Q5Z M . -19.39 -26.29 0.21
C17 Q5Z M . -21.91 -26.37 -0.22
C20 Q5Z M . -19.60 -24.96 0.61
C21 Q5Z M . -16.95 -25.75 -0.27
C22 Q5Z M . -15.71 -26.05 -0.84
C24 Q5Z M . -13.90 -25.10 -3.06
C26 Q5Z M . -10.03 -25.55 -6.08
C28 Q5Z M . -10.21 -26.82 -8.10
C01 Q5Z M . -9.71 -22.72 -2.21
C03 Q5Z M . -9.88 -24.17 -4.10
C04 Q5Z M . -10.79 -25.03 -3.46
C05 Q5Z M . -11.33 -26.14 -4.13
C06 Q5Z M . -12.25 -27.00 -3.45
C07 Q5Z M . -11.92 -28.34 -3.30
C09 Q5Z M . -13.83 -28.81 -2.13
C11 Q5Z M . -15.53 -27.19 -1.62
C12 Q5Z M . -16.63 -28.04 -1.78
C14 Q5Z M . -18.04 -26.61 -0.41
C16 Q5Z M . -20.61 -26.96 -0.44
C19 Q5Z M . -21.04 -24.67 1.36
C23 Q5Z M . -13.47 -26.56 -2.90
C25 Q5Z M . -10.93 -26.40 -5.44
C29 Q5Z M . -9.51 -24.44 -5.41
C31 Q5Z M . -7.29 -24.01 -6.08
N08 Q5Z M . -12.69 -29.20 -2.66
N18 Q5Z M . -21.96 -25.59 1.17
O02 Q5Z M . -9.29 -23.03 -3.53
O27 Q5Z M . -9.59 -25.76 -7.41
O30 Q5Z M . -8.62 -23.57 -6.08
H131 Q5Z M . -18.58 -28.33 -1.30
H171 Q5Z M . -22.09 -25.76 -0.92
H172 Q5Z M . -22.56 -27.04 -0.22
H202 Q5Z M . -19.56 -24.42 -0.16
H201 Q5Z M . -18.91 -24.71 1.19
H211 Q5Z M . -17.04 -24.97 0.23
H221 Q5Z M . -15.00 -25.46 -0.71
H243 Q5Z M . -13.43 -24.71 -3.77
H242 Q5Z M . -13.70 -24.63 -2.27
H241 Q5Z M . -14.81 -25.05 -3.22
H281 Q5Z M . -9.83 -26.88 -9.00
H282 Q5Z M . -11.16 -26.65 -8.17
H283 Q5Z M . -10.06 -27.65 -7.63
H011 Q5Z M . -10.63 -22.54 -2.21
H013 Q5Z M . -9.23 -21.97 -1.91
H012 Q5Z M . -9.52 -23.45 -1.65
H041 Q5Z M . -11.03 -24.86 -2.57
H071 Q5Z M . -11.13 -28.65 -3.67
H091 Q5Z M . -14.36 -29.43 -1.67
H121 Q5Z M . -16.54 -28.81 -2.30
H161 Q5Z M . -20.52 -27.72 -0.97
H192 Q5Z M . -21.38 -23.85 1.04
H191 Q5Z M . -20.88 -24.61 2.28
H251 Q5Z M . -11.27 -27.13 -5.88
H312 Q5Z M . -6.92 -23.91 -6.98
H313 Q5Z M . -7.26 -24.94 -5.83
H311 Q5Z M . -6.77 -23.48 -5.45
H3 Q5Z M . -21.90 -26.17 1.81
S SO4 N . -11.17 -36.32 1.91
O1 SO4 N . -10.90 -36.97 3.16
O2 SO4 N . -12.29 -36.99 1.25
O3 SO4 N . -11.51 -34.92 2.11
O4 SO4 N . -10.01 -36.36 1.02
S SO4 O . -18.46 -16.26 -32.27
O1 SO4 O . -18.02 -17.62 -31.99
O2 SO4 O . -19.71 -16.03 -31.63
O3 SO4 O . -18.67 -16.11 -33.70
O4 SO4 O . -17.44 -15.29 -31.88
S SO4 P . -9.95 -9.09 -0.90
O1 SO4 P . -10.23 -10.03 -1.98
O2 SO4 P . -10.34 -9.69 0.38
O3 SO4 P . -10.72 -7.86 -1.11
O4 SO4 P . -8.53 -8.77 -0.89
S SO4 Q . -5.36 -33.91 -1.63
O1 SO4 Q . -6.25 -35.03 -1.35
O2 SO4 Q . -4.72 -33.40 -0.42
O3 SO4 Q . -6.15 -32.83 -2.13
O4 SO4 Q . -4.38 -34.28 -2.64
#